data_8VCX
#
_entry.id   8VCX
#
_cell.length_a   64.651
_cell.length_b   64.818
_cell.length_c   255.896
_cell.angle_alpha   90.000
_cell.angle_beta   90.000
_cell.angle_gamma   90.000
#
_symmetry.space_group_name_H-M   'P 21 21 21'
#
loop_
_entity.id
_entity.type
_entity.pdbx_description
1 polymer 'T-CELL-RECEPTOR, TCR A2.13 alpha'
2 polymer 'T-CELL-RECEPTOR, A2.13-beta chain'
3 polymer 'MHC class II HLA-DQ-alpha chain'
4 polymer 'MHC class II HLA-DQ-beta-1'
5 polymer 'Proinsulin C-peptide (InsC8-22)'
6 branched 2-acetamido-2-deoxy-beta-D-glucopyranose-(1-4)-[alpha-L-fucopyranose-(1-6)]2-acetamido-2-deoxy-beta-D-glucopyranose
7 branched 2-acetamido-2-deoxy-beta-D-glucopyranose-(1-4)-2-acetamido-2-deoxy-beta-D-glucopyranose
8 non-polymer 'PHOSPHATE ION'
9 non-polymer GLYCEROL
10 water water
#
loop_
_entity_poly.entity_id
_entity_poly.type
_entity_poly.pdbx_seq_one_letter_code
_entity_poly.pdbx_strand_id
1 'polypeptide(L)'
;MKTTQPPSMDCAEGRAANLPCNHSTISGNEYVYWYRQIHSQGPQYIIHGLKNNETNEMASLIITEDRKSSTLILPHATLR
DTAVYYCIVSHNAGNMLTFGGGTRLMVKPHIQNPDPAVYQLRDSKSSDKSVCLFTDFDSQTNVSQSKDSDVYITDKCVLD
MRSMDFKSNSAVAWSNKSDFACANAFNNSIIPEDTFFPSPESS
;
D
2 'polypeptide(L)'
;GVTQTPRYLIKTRGQQVTLSCSPISGHRSVSWYQQTPGQGLQFLFEYFSETQRNKGNFPGRFSGRQFSNSRSEMNVSTLE
LGDSALYLCASSLERETQYFGPGTRLLVLEDLKNVFPPEVAVFEPSEAEISHTQKATLVCLATGFFPDHVELSWWVNGKE
VHSGVCTDPQPLKEQPALNDSRYALSSRLRVSATFWQNPRNHFRCQVQFYGLSENDEWTQDRAKPVTQIVSAEAWGRAD
;
E
3 'polypeptide(L)'
;EDIVADHVASYGVNLYQSYGPSGQYSHEFDGDEEFYVDLERKETVWQLPLFRRFRRFDPQFALTNIAVLKHNLNCVIKRS
NSTAATNEVPEVTVFSKSPVTLGQPNTLICLVDNIFPPVVNITWLSNGHSVTEGVSETSFLSKSDHSFFKISYLTFLPSA
DEIYDCKVEHWGLDEPLLKHWEPEI
;
A
4 'polypeptide(L)'
;RDSPEDFVYQFKGMCYFTNGTERVRLVTRYIYNREEYARFDSDVGVYRAVTPLGPPAAEYWNSQKEVLERTRAELDTVCR
HNYQLELRTTLQRRVEPTVTISPSRTEALNHHNLLVCSVTDFYPAQIKVRWFRNDQEETTGVVSTPLIRNGDWTFQILVM
LEMTPQRGDVYTCHVEHPSLQNPIIVEWRAQS
;
B
5 'polypeptide(L)' GQVELGGGPGAESCQ C
#
# COMPACT_ATOMS: atom_id res chain seq x y z
N MET A 1 9.42 -0.48 9.82
CA MET A 1 9.38 -1.85 10.36
C MET A 1 10.48 -2.70 9.77
N LYS A 2 10.55 -2.76 8.45
CA LYS A 2 11.55 -3.55 7.74
C LYS A 2 12.81 -2.77 7.42
N THR A 3 12.91 -1.51 7.84
CA THR A 3 14.02 -0.65 7.45
C THR A 3 14.77 -0.16 8.68
N THR A 4 16.10 -0.05 8.54
CA THR A 4 16.97 0.46 9.59
C THR A 4 17.71 1.67 9.06
N GLN A 5 17.66 2.77 9.82
CA GLN A 5 18.32 4.01 9.46
C GLN A 5 19.10 4.54 10.66
N PRO A 6 20.19 5.27 10.41
CA PRO A 6 20.87 5.97 11.50
C PRO A 6 19.99 7.09 12.05
N PRO A 7 20.00 7.29 13.37
CA PRO A 7 19.07 8.26 13.95
C PRO A 7 19.34 9.70 13.52
N SER A 8 20.60 10.07 13.30
CA SER A 8 20.94 11.43 12.89
C SER A 8 22.10 11.38 11.91
N MET A 9 22.22 12.44 11.11
CA MET A 9 23.28 12.53 10.11
C MET A 9 23.46 13.98 9.71
N ASP A 10 24.72 14.37 9.50
CA ASP A 10 25.07 15.70 9.02
C ASP A 10 25.65 15.62 7.62
N CYS A 11 25.61 16.76 6.92
CA CYS A 11 26.19 16.86 5.59
C CYS A 11 26.51 18.33 5.31
N ALA A 12 27.42 18.54 4.37
CA ALA A 12 27.84 19.88 3.99
C ALA A 12 26.89 20.46 2.96
N GLU A 13 26.63 21.76 3.08
CA GLU A 13 25.73 22.44 2.16
C GLU A 13 26.41 22.63 0.81
N GLY A 14 25.71 22.26 -0.26
CA GLY A 14 26.27 22.35 -1.60
C GLY A 14 26.74 21.02 -2.12
N ARG A 15 27.31 20.19 -1.24
CA ARG A 15 27.76 18.87 -1.62
C ARG A 15 26.57 17.90 -1.66
N ALA A 16 26.86 16.64 -1.94
CA ALA A 16 25.84 15.61 -2.04
C ALA A 16 25.68 14.90 -0.70
N ALA A 17 24.42 14.61 -0.35
CA ALA A 17 24.09 13.91 0.88
C ALA A 17 23.65 12.49 0.54
N ASN A 18 24.31 11.50 1.14
CA ASN A 18 24.04 10.09 0.89
C ASN A 18 23.46 9.49 2.16
N LEU A 19 22.12 9.41 2.23
CA LEU A 19 21.45 8.85 3.39
C LEU A 19 21.29 7.34 3.20
N PRO A 20 21.87 6.52 4.07
CA PRO A 20 21.78 5.06 3.89
C PRO A 20 20.53 4.47 4.54
N CYS A 21 20.17 3.28 4.06
CA CYS A 21 19.02 2.56 4.56
C CYS A 21 19.26 1.07 4.39
N ASN A 22 18.95 0.30 5.44
CA ASN A 22 19.16 -1.15 5.44
C ASN A 22 17.81 -1.85 5.51
N HIS A 23 17.62 -2.86 4.65
CA HIS A 23 16.37 -3.62 4.62
C HIS A 23 16.70 -5.01 4.05
N SER A 24 17.15 -5.90 4.94
CA SER A 24 17.57 -7.24 4.52
C SER A 24 16.39 -8.18 4.33
N THR A 25 15.30 -7.97 5.08
CA THR A 25 14.12 -8.82 4.96
C THR A 25 13.19 -8.38 3.84
N ILE A 26 13.65 -7.53 2.93
CA ILE A 26 12.77 -7.00 1.89
C ILE A 26 12.36 -8.13 0.94
N SER A 27 11.15 -8.02 0.42
CA SER A 27 10.61 -8.99 -0.52
C SER A 27 10.76 -8.47 -1.95
N GLY A 28 10.79 -9.41 -2.90
CA GLY A 28 10.89 -9.05 -4.30
C GLY A 28 9.70 -8.27 -4.82
N ASN A 29 8.59 -8.23 -4.08
CA ASN A 29 7.41 -7.47 -4.47
C ASN A 29 7.20 -6.21 -3.65
N GLU A 30 8.22 -5.79 -2.89
CA GLU A 30 8.14 -4.59 -2.07
C GLU A 30 9.02 -3.50 -2.64
N TYR A 31 8.48 -2.29 -2.74
CA TYR A 31 9.22 -1.14 -3.21
C TYR A 31 9.97 -0.48 -2.04
N VAL A 32 11.00 0.27 -2.39
CA VAL A 32 11.74 1.10 -1.44
C VAL A 32 11.24 2.54 -1.61
N TYR A 33 10.63 3.09 -0.57
CA TYR A 33 10.09 4.44 -0.60
C TYR A 33 10.89 5.35 0.32
N TRP A 34 10.93 6.63 -0.05
CA TRP A 34 11.60 7.65 0.74
C TRP A 34 10.69 8.85 0.91
N TYR A 35 10.46 9.23 2.17
CA TYR A 35 9.69 10.42 2.51
C TYR A 35 10.53 11.28 3.44
N ARG A 36 10.26 12.58 3.42
CA ARG A 36 10.88 13.50 4.36
C ARG A 36 9.82 14.43 4.93
N GLN A 37 10.06 14.88 6.16
CA GLN A 37 9.11 15.73 6.87
C GLN A 37 9.87 16.87 7.52
N ILE A 38 9.73 18.08 6.96
CA ILE A 38 10.24 19.27 7.61
C ILE A 38 9.36 19.59 8.81
N HIS A 39 9.94 20.27 9.80
CA HIS A 39 9.23 20.55 11.03
C HIS A 39 7.96 21.34 10.77
N SER A 40 6.87 20.96 11.45
CA SER A 40 5.57 21.61 11.31
C SER A 40 5.05 21.51 9.88
N GLN A 41 5.29 20.37 9.24
CA GLN A 41 4.79 20.11 7.90
C GLN A 41 4.38 18.64 7.79
N GLY A 42 3.76 18.31 6.66
CA GLY A 42 3.39 16.94 6.37
C GLY A 42 4.46 16.24 5.57
N PRO A 43 4.43 14.91 5.57
CA PRO A 43 5.45 14.14 4.84
C PRO A 43 5.44 14.47 3.36
N GLN A 44 6.63 14.61 2.79
CA GLN A 44 6.80 14.91 1.38
C GLN A 44 7.38 13.70 0.67
N TYR A 45 6.66 13.19 -0.32
CA TYR A 45 7.19 12.11 -1.14
C TYR A 45 8.41 12.60 -1.90
N ILE A 46 9.43 11.73 -1.96
CA ILE A 46 10.68 12.08 -2.63
C ILE A 46 10.85 11.20 -3.86
N ILE A 47 11.06 9.90 -3.64
CA ILE A 47 11.35 8.97 -4.73
C ILE A 47 11.06 7.56 -4.23
N HIS A 48 10.84 6.64 -5.16
CA HIS A 48 10.69 5.24 -4.83
C HIS A 48 11.33 4.40 -5.93
N GLY A 49 11.56 3.13 -5.62
CA GLY A 49 12.18 2.23 -6.58
C GLY A 49 12.00 0.79 -6.17
N LEU A 50 12.27 -0.09 -7.12
CA LEU A 50 12.19 -1.53 -6.91
C LEU A 50 13.57 -2.19 -7.02
N LYS A 51 14.22 -2.07 -8.17
CA LYS A 51 15.54 -2.64 -8.38
C LYS A 51 16.46 -1.61 -9.02
N ASN A 52 17.75 -1.69 -8.66
CA ASN A 52 18.81 -0.87 -9.25
C ASN A 52 18.62 0.62 -8.94
N ASN A 53 18.57 1.47 -9.96
CA ASN A 53 18.64 2.91 -9.74
C ASN A 53 17.42 3.64 -10.26
N GLU A 54 17.19 4.83 -9.69
CA GLU A 54 16.08 5.70 -10.07
C GLU A 54 16.46 7.16 -9.78
N THR A 55 15.96 8.06 -10.63
CA THR A 55 16.25 9.48 -10.51
C THR A 55 15.04 10.32 -10.88
N ASN A 56 14.82 11.39 -10.13
CA ASN A 56 13.81 12.39 -10.46
C ASN A 56 14.40 13.76 -10.15
N GLU A 57 13.54 14.79 -10.21
CA GLU A 57 14.01 16.16 -10.01
C GLU A 57 14.42 16.44 -8.58
N MET A 58 14.10 15.56 -7.63
CA MET A 58 14.36 15.82 -6.22
C MET A 58 15.60 15.11 -5.70
N ALA A 59 15.79 13.83 -6.06
CA ALA A 59 16.90 13.06 -5.50
C ALA A 59 17.18 11.88 -6.43
N SER A 60 18.16 11.07 -6.01
CA SER A 60 18.49 9.81 -6.67
C SER A 60 18.42 8.68 -5.67
N LEU A 61 18.03 7.51 -6.13
CA LEU A 61 17.93 6.32 -5.30
C LEU A 61 18.73 5.20 -5.93
N ILE A 62 19.65 4.62 -5.16
CA ILE A 62 20.43 3.47 -5.61
C ILE A 62 20.10 2.29 -4.69
N ILE A 63 19.69 1.19 -5.30
CA ILE A 63 19.41 -0.05 -4.58
C ILE A 63 20.42 -1.09 -5.02
N THR A 64 21.00 -1.79 -4.05
CA THR A 64 22.02 -2.79 -4.37
C THR A 64 21.41 -3.94 -5.16
N GLU A 65 22.29 -4.73 -5.80
CA GLU A 65 21.83 -5.84 -6.61
C GLU A 65 21.07 -6.87 -5.77
N ASP A 66 21.57 -7.16 -4.57
CA ASP A 66 20.87 -8.05 -3.65
C ASP A 66 19.69 -7.38 -2.97
N ARG A 67 19.49 -6.08 -3.20
CA ARG A 67 18.36 -5.31 -2.69
C ARG A 67 18.29 -5.26 -1.17
N LYS A 68 19.36 -5.66 -0.47
CA LYS A 68 19.37 -5.64 0.98
C LYS A 68 19.70 -4.27 1.56
N SER A 69 20.00 -3.29 0.71
CA SER A 69 20.35 -1.94 1.19
C SER A 69 20.08 -0.95 0.08
N SER A 70 19.76 0.28 0.47
CA SER A 70 19.52 1.36 -0.48
C SER A 70 20.17 2.64 0.07
N THR A 71 20.26 3.65 -0.81
CA THR A 71 20.88 4.91 -0.43
C THR A 71 20.19 6.04 -1.18
N LEU A 72 19.60 6.98 -0.43
CA LEU A 72 19.03 8.17 -1.03
C LEU A 72 20.14 9.21 -1.23
N ILE A 73 20.19 9.79 -2.43
CA ILE A 73 21.24 10.72 -2.81
C ILE A 73 20.62 12.07 -3.11
N LEU A 74 20.82 13.03 -2.23
CA LEU A 74 20.46 14.42 -2.49
C LEU A 74 21.58 15.09 -3.26
N PRO A 75 21.35 15.55 -4.49
CA PRO A 75 22.47 16.05 -5.32
C PRO A 75 23.11 17.31 -4.77
N HIS A 76 22.33 18.37 -4.58
CA HIS A 76 22.84 19.65 -4.11
C HIS A 76 22.13 19.98 -2.80
N ALA A 77 22.74 19.58 -1.68
CA ALA A 77 22.13 19.72 -0.37
C ALA A 77 21.96 21.18 -0.01
N THR A 78 20.72 21.64 0.04
CA THR A 78 20.39 23.02 0.41
C THR A 78 19.95 23.09 1.86
N LEU A 79 19.83 24.32 2.36
CA LEU A 79 19.43 24.53 3.75
C LEU A 79 18.01 24.05 3.99
N ARG A 80 17.18 24.01 2.96
CA ARG A 80 15.80 23.55 3.10
C ARG A 80 15.69 22.04 3.17
N ASP A 81 16.77 21.30 2.89
CA ASP A 81 16.75 19.85 2.96
C ASP A 81 16.92 19.33 4.38
N THR A 82 17.10 20.20 5.37
CA THR A 82 17.23 19.80 6.76
C THR A 82 15.87 19.35 7.28
N ALA A 83 15.67 18.04 7.34
CA ALA A 83 14.40 17.48 7.78
C ALA A 83 14.65 16.05 8.28
N VAL A 84 13.57 15.33 8.55
CA VAL A 84 13.63 13.93 8.94
C VAL A 84 13.26 13.09 7.72
N TYR A 85 14.14 12.17 7.35
CA TYR A 85 13.95 11.35 6.15
C TYR A 85 13.57 9.93 6.56
N TYR A 86 12.43 9.46 6.08
CA TYR A 86 11.91 8.14 6.41
C TYR A 86 12.13 7.20 5.24
N CYS A 87 12.82 6.10 5.48
CA CYS A 87 12.98 5.02 4.52
C CYS A 87 12.00 3.90 4.88
N ILE A 88 11.06 3.61 3.98
CA ILE A 88 10.02 2.63 4.24
C ILE A 88 9.90 1.69 3.05
N VAL A 89 9.23 0.56 3.28
CA VAL A 89 8.91 -0.40 2.23
C VAL A 89 7.40 -0.46 2.07
N SER A 90 6.96 -0.76 0.85
CA SER A 90 5.54 -0.77 0.54
C SER A 90 5.27 -1.70 -0.62
N HIS A 91 4.17 -2.46 -0.53
CA HIS A 91 3.76 -3.37 -1.59
C HIS A 91 3.13 -2.64 -2.78
N ASN A 92 2.76 -1.36 -2.61
CA ASN A 92 1.99 -0.64 -3.62
C ASN A 92 0.71 -1.38 -3.95
N ALA A 93 0.12 -2.01 -2.94
CA ALA A 93 -1.09 -2.81 -3.10
C ALA A 93 -2.31 -2.15 -2.46
N GLY A 94 -2.29 -0.82 -2.33
CA GLY A 94 -3.38 -0.11 -1.73
C GLY A 94 -3.47 -0.25 -0.22
N ASN A 95 -2.40 -0.67 0.43
CA ASN A 95 -2.38 -0.82 1.87
C ASN A 95 -1.81 0.43 2.53
N MET A 96 -1.71 0.40 3.86
CA MET A 96 -1.31 1.57 4.61
C MET A 96 0.21 1.78 4.51
N LEU A 97 0.63 2.97 4.92
CA LEU A 97 2.05 3.32 5.01
C LEU A 97 2.51 3.22 6.46
N THR A 98 3.69 2.65 6.65
CA THR A 98 4.29 2.52 7.98
C THR A 98 5.62 3.25 7.99
N PHE A 99 5.79 4.17 8.93
CA PHE A 99 7.00 4.94 9.07
C PHE A 99 7.87 4.41 10.20
N GLY A 100 9.18 4.43 10.00
CA GLY A 100 10.13 4.05 11.03
C GLY A 100 10.61 5.26 11.80
N GLY A 101 11.78 5.11 12.42
CA GLY A 101 12.35 6.21 13.17
C GLY A 101 12.84 7.34 12.28
N GLY A 102 13.32 7.03 11.09
CA GLY A 102 13.81 8.02 10.18
C GLY A 102 15.20 8.54 10.56
N THR A 103 15.82 9.23 9.60
CA THR A 103 17.12 9.85 9.81
C THR A 103 16.94 11.36 9.92
N ARG A 104 17.50 11.95 10.97
CA ARG A 104 17.44 13.38 11.18
C ARG A 104 18.65 14.01 10.47
N LEU A 105 18.40 14.58 9.29
CA LEU A 105 19.47 15.16 8.49
C LEU A 105 19.64 16.64 8.82
N MET A 106 20.89 17.05 9.03
CA MET A 106 21.23 18.43 9.33
C MET A 106 22.22 18.92 8.29
N VAL A 107 21.83 19.94 7.54
CA VAL A 107 22.67 20.51 6.49
C VAL A 107 23.46 21.67 7.10
N LYS A 108 24.77 21.47 7.23
CA LYS A 108 25.67 22.46 7.84
C LYS A 108 26.18 23.43 6.78
N PRO A 109 26.03 24.74 6.98
CA PRO A 109 26.57 25.69 6.02
C PRO A 109 28.08 25.81 6.15
N HIS A 110 28.70 26.33 5.08
CA HIS A 110 30.14 26.54 5.03
C HIS A 110 30.41 28.03 5.18
N ILE A 111 30.75 28.45 6.39
CA ILE A 111 31.05 29.84 6.67
C ILE A 111 32.45 30.14 6.12
N GLN A 112 32.51 30.90 5.03
CA GLN A 112 33.79 31.15 4.37
C GLN A 112 34.71 32.00 5.23
N ASN A 113 34.16 33.00 5.92
CA ASN A 113 34.95 33.93 6.75
C ASN A 113 34.27 34.08 8.10
N PRO A 114 34.52 33.18 9.03
CA PRO A 114 33.88 33.28 10.35
C PRO A 114 34.38 34.50 11.11
N ASP A 115 33.44 35.26 11.66
CA ASP A 115 33.74 36.47 12.44
C ASP A 115 32.83 36.48 13.67
N PRO A 116 33.03 35.53 14.59
CA PRO A 116 32.10 35.39 15.71
C PRO A 116 32.10 36.62 16.61
N ALA A 117 30.90 36.99 17.07
CA ALA A 117 30.74 38.17 17.90
C ALA A 117 29.40 38.08 18.62
N VAL A 118 29.30 38.77 19.75
CA VAL A 118 28.08 38.83 20.55
C VAL A 118 27.66 40.29 20.62
N TYR A 119 26.64 40.66 19.85
CA TYR A 119 26.12 42.02 19.83
C TYR A 119 24.87 42.11 20.70
N GLN A 120 24.61 43.32 21.19
CA GLN A 120 23.43 43.61 21.99
C GLN A 120 22.48 44.48 21.19
N LEU A 121 21.20 44.11 21.20
CA LEU A 121 20.16 44.80 20.44
C LEU A 121 19.19 45.48 21.40
N ARG A 122 18.83 46.72 21.09
CA ARG A 122 17.89 47.49 21.90
C ARG A 122 16.50 47.40 21.30
N ASP A 123 15.49 47.40 22.19
CA ASP A 123 14.12 47.33 21.75
C ASP A 123 13.71 48.64 21.07
N SER A 124 13.05 48.53 19.92
CA SER A 124 12.61 49.72 19.20
C SER A 124 11.52 50.48 19.95
N LYS A 125 10.84 49.83 20.89
CA LYS A 125 9.83 50.47 21.71
C LYS A 125 10.20 50.48 23.18
N SER A 126 11.44 50.10 23.52
CA SER A 126 11.91 50.05 24.91
C SER A 126 11.02 49.19 25.78
N ASP A 128 14.25 49.38 27.69
CA ASP A 128 14.89 48.62 28.77
C ASP A 128 15.09 47.17 28.37
N LYS A 129 14.15 46.63 27.61
CA LYS A 129 14.25 45.25 27.14
C LYS A 129 15.34 45.13 26.08
N SER A 130 16.14 44.08 26.18
CA SER A 130 17.26 43.89 25.28
C SER A 130 17.52 42.40 25.08
N VAL A 131 18.10 42.07 23.92
CA VAL A 131 18.50 40.71 23.59
C VAL A 131 19.95 40.71 23.13
N CYS A 132 20.59 39.56 23.24
CA CYS A 132 21.97 39.38 22.81
C CYS A 132 22.03 38.45 21.60
N LEU A 133 22.88 38.79 20.64
CA LEU A 133 22.97 38.08 19.37
C LEU A 133 24.38 37.55 19.18
N PHE A 134 24.54 36.23 19.23
CA PHE A 134 25.80 35.57 18.95
C PHE A 134 25.72 35.02 17.52
N THR A 135 26.43 35.66 16.60
CA THR A 135 26.32 35.36 15.17
C THR A 135 27.70 35.26 14.54
N ASP A 136 27.70 34.84 13.27
CA ASP A 136 28.90 34.80 12.43
C ASP A 136 29.96 33.84 12.98
N PHE A 137 29.54 32.79 13.67
CA PHE A 137 30.45 31.78 14.16
C PHE A 137 30.47 30.57 13.21
N ASP A 138 31.49 29.73 13.39
CA ASP A 138 31.66 28.56 12.53
C ASP A 138 30.60 27.52 12.82
N SER A 139 30.27 26.73 11.79
CA SER A 139 29.24 25.70 11.92
C SER A 139 29.63 24.61 12.91
N GLN A 140 30.93 24.44 13.19
CA GLN A 140 31.36 23.45 14.16
C GLN A 140 31.05 23.88 15.59
N THR A 141 30.74 25.15 15.81
CA THR A 141 30.41 25.63 17.15
C THR A 141 28.96 25.32 17.47
N ASN A 142 28.73 24.82 18.69
CA ASN A 142 27.40 24.46 19.16
C ASN A 142 26.91 25.47 20.18
N VAL A 143 25.62 25.82 20.11
CA VAL A 143 25.06 26.85 20.98
C VAL A 143 24.78 26.36 22.38
N SER A 144 24.90 25.05 22.63
CA SER A 144 24.65 24.45 23.95
C SER A 144 23.21 24.79 24.34
N GLN A 145 22.96 25.25 25.55
CA GLN A 145 21.60 25.58 25.99
C GLN A 145 21.70 26.64 27.09
N SER A 146 20.60 26.81 27.83
CA SER A 146 20.57 27.81 28.90
C SER A 146 20.55 27.13 30.27
N ASP A 148 20.78 28.60 33.24
CA ASP A 148 19.93 29.43 34.08
C ASP A 148 18.47 29.30 33.67
N SER A 149 17.58 29.28 34.67
CA SER A 149 16.15 29.14 34.39
C SER A 149 15.55 30.43 33.85
N ASP A 150 15.93 31.57 34.44
CA ASP A 150 15.41 32.86 34.00
C ASP A 150 16.03 33.37 32.72
N VAL A 151 17.00 32.65 32.15
CA VAL A 151 17.67 33.04 30.92
C VAL A 151 17.23 32.08 29.82
N TYR A 152 16.80 32.64 28.69
CA TYR A 152 16.34 31.87 27.55
C TYR A 152 17.34 32.00 26.41
N ILE A 153 17.68 30.87 25.79
CA ILE A 153 18.62 30.83 24.68
C ILE A 153 18.06 29.90 23.61
N THR A 154 18.09 30.35 22.36
CA THR A 154 17.60 29.56 21.24
C THR A 154 18.71 28.65 20.73
N ASP A 155 18.49 28.06 19.55
CA ASP A 155 19.44 27.16 18.92
C ASP A 155 20.06 27.82 17.69
N LYS A 156 21.01 27.13 17.08
CA LYS A 156 21.68 27.65 15.89
C LYS A 156 20.69 27.78 14.75
N CYS A 157 20.64 28.98 14.16
CA CYS A 157 19.76 29.29 13.05
C CYS A 157 20.60 29.75 11.87
N VAL A 158 20.50 29.05 10.75
CA VAL A 158 21.30 29.35 9.56
C VAL A 158 20.54 30.36 8.71
N LEU A 159 21.18 31.49 8.42
CA LEU A 159 20.59 32.59 7.69
C LEU A 159 21.31 32.74 6.36
N ASP A 160 20.55 32.96 5.29
CA ASP A 160 21.10 33.01 3.93
C ASP A 160 20.61 34.29 3.25
N MET A 161 21.52 35.23 3.02
CA MET A 161 21.23 36.46 2.29
C MET A 161 21.51 36.21 0.81
N ARG A 162 20.46 35.84 0.06
CA ARG A 162 20.64 35.47 -1.34
C ARG A 162 21.16 36.62 -2.19
N SER A 163 20.97 37.87 -1.75
CA SER A 163 21.48 39.01 -2.51
C SER A 163 23.01 39.05 -2.47
N MET A 164 23.60 38.84 -1.30
CA MET A 164 25.05 38.91 -1.13
C MET A 164 25.72 37.55 -1.22
N ASP A 165 24.95 36.47 -1.47
CA ASP A 165 25.49 35.11 -1.50
C ASP A 165 26.24 34.80 -0.22
N PHE A 166 25.64 35.17 0.91
CA PHE A 166 26.26 35.09 2.21
C PHE A 166 25.43 34.23 3.14
N LYS A 167 26.10 33.45 3.98
CA LYS A 167 25.45 32.57 4.95
C LYS A 167 26.11 32.75 6.31
N SER A 168 25.31 32.71 7.36
CA SER A 168 25.82 32.90 8.70
C SER A 168 24.94 32.19 9.71
N ASN A 169 25.56 31.68 10.77
CA ASN A 169 24.84 31.10 11.89
C ASN A 169 24.47 32.18 12.90
N SER A 170 23.52 31.85 13.76
CA SER A 170 23.00 32.84 14.70
C SER A 170 22.39 32.14 15.90
N ALA A 171 22.35 32.86 17.02
CA ALA A 171 21.72 32.37 18.24
C ALA A 171 21.33 33.58 19.09
N VAL A 172 20.07 33.61 19.54
CA VAL A 172 19.52 34.74 20.28
C VAL A 172 19.30 34.31 21.72
N ALA A 173 19.72 35.16 22.66
CA ALA A 173 19.54 34.91 24.08
C ALA A 173 19.00 36.17 24.74
N TRP A 174 18.03 35.99 25.64
CA TRP A 174 17.45 37.12 26.35
C TRP A 174 17.05 36.67 27.75
N SER A 175 16.83 37.66 28.62
CA SER A 175 16.43 37.40 30.00
C SER A 175 15.74 38.64 30.55
N ASN A 176 14.99 38.44 31.64
CA ASN A 176 14.27 39.54 32.28
C ASN A 176 14.89 39.86 33.64
N LYS A 177 16.16 40.24 33.65
CA LYS A 177 16.85 40.55 34.90
C LYS A 177 17.55 41.89 34.81
N ASP A 179 20.66 42.42 35.67
CA ASP A 179 21.61 41.36 35.97
C ASP A 179 22.13 40.72 34.68
N PHE A 180 21.26 40.59 33.69
CA PHE A 180 21.63 39.95 32.43
C PHE A 180 22.72 40.73 31.73
N ALA A 181 23.74 40.02 31.25
CA ALA A 181 24.87 40.63 30.56
C ALA A 181 25.24 39.78 29.36
N CYS A 182 25.99 40.38 28.44
CA CYS A 182 26.33 39.72 27.19
C CYS A 182 27.23 38.51 27.42
N ALA A 183 28.42 38.74 27.98
CA ALA A 183 29.37 37.65 28.20
C ALA A 183 28.85 36.62 29.20
N ASN A 184 27.92 37.01 30.06
CA ASN A 184 27.33 36.09 31.03
C ASN A 184 26.14 35.32 30.47
N ALA A 185 25.96 35.32 29.15
CA ALA A 185 24.85 34.63 28.52
C ALA A 185 25.29 33.35 27.81
N PHE A 186 26.25 33.45 26.89
CA PHE A 186 26.73 32.31 26.13
C PHE A 186 27.93 31.62 26.78
N ASN A 187 28.19 31.90 28.06
CA ASN A 187 29.29 31.26 28.76
C ASN A 187 29.07 29.77 28.99
N ASN A 188 27.87 29.27 28.71
CA ASN A 188 27.57 27.85 28.84
C ASN A 188 27.94 27.05 27.59
N SER A 189 28.40 27.71 26.54
CA SER A 189 28.76 27.06 25.28
C SER A 189 30.25 27.23 25.02
N ILE A 190 30.74 26.43 24.07
CA ILE A 190 32.15 26.47 23.68
C ILE A 190 32.35 27.60 22.67
N ILE A 191 32.24 28.84 23.14
CA ILE A 191 32.41 30.00 22.26
C ILE A 191 33.90 30.18 21.97
N PRO A 192 34.30 30.39 20.73
CA PRO A 192 35.72 30.59 20.43
C PRO A 192 36.24 31.89 21.03
N GLU A 193 37.52 31.85 21.43
CA GLU A 193 38.13 33.02 22.06
C GLU A 193 38.17 34.23 21.14
N ASP A 194 38.02 34.02 19.83
CA ASP A 194 38.00 35.10 18.86
C ASP A 194 36.66 35.82 18.80
N THR A 195 35.74 35.52 19.73
CA THR A 195 34.43 36.16 19.73
C THR A 195 34.58 37.64 20.07
N PHE A 196 34.06 38.49 19.20
CA PHE A 196 34.23 39.94 19.32
C PHE A 196 33.14 40.49 20.24
N PHE A 197 33.52 40.80 21.48
CA PHE A 197 32.62 41.44 22.44
C PHE A 197 32.82 42.95 22.39
N PRO A 198 31.91 43.69 21.76
CA PRO A 198 32.12 45.13 21.59
C PRO A 198 31.80 45.90 22.87
N SER A 199 32.07 47.20 22.81
CA SER A 199 31.84 48.09 23.94
C SER A 199 30.39 48.56 23.97
N GLY B 1 -1.10 20.25 -4.80
CA GLY B 1 -1.00 19.13 -3.88
C GLY B 1 -2.25 18.94 -3.03
N VAL B 2 -2.14 18.07 -2.02
CA VAL B 2 -3.27 17.77 -1.15
C VAL B 2 -3.53 18.96 -0.23
N THR B 3 -4.80 19.31 -0.08
CA THR B 3 -5.22 20.43 0.76
C THR B 3 -6.04 19.92 1.94
N GLN B 4 -5.81 20.50 3.11
CA GLN B 4 -6.55 20.13 4.32
C GLN B 4 -6.96 21.39 5.06
N THR B 5 -8.20 21.40 5.55
CA THR B 5 -8.73 22.47 6.36
C THR B 5 -9.50 21.85 7.52
N PRO B 6 -9.37 22.41 8.74
CA PRO B 6 -8.50 23.55 9.07
C PRO B 6 -7.07 23.12 9.33
N ARG B 7 -6.14 24.09 9.32
CA ARG B 7 -4.75 23.75 9.58
C ARG B 7 -4.44 23.71 11.08
N TYR B 8 -5.17 24.49 11.88
CA TYR B 8 -5.02 24.46 13.32
C TYR B 8 -6.40 24.46 13.96
N LEU B 9 -6.52 23.76 15.09
CA LEU B 9 -7.82 23.60 15.74
C LEU B 9 -7.62 23.38 17.23
N ILE B 10 -8.37 24.14 18.04
CA ILE B 10 -8.36 24.01 19.48
C ILE B 10 -9.75 23.55 19.92
N LYS B 11 -9.80 22.49 20.72
CA LYS B 11 -11.06 21.95 21.23
C LYS B 11 -10.87 21.53 22.67
N THR B 12 -12.00 21.39 23.37
CA THR B 12 -12.03 20.91 24.74
C THR B 12 -12.56 19.49 24.78
N ARG B 13 -12.45 18.87 25.96
CA ARG B 13 -12.87 17.49 26.14
C ARG B 13 -14.36 17.33 25.86
N GLY B 14 -14.70 16.27 25.13
CA GLY B 14 -16.09 15.94 24.85
C GLY B 14 -16.63 16.50 23.57
N GLN B 15 -15.93 17.43 22.92
CA GLN B 15 -16.41 18.04 21.69
C GLN B 15 -16.13 17.12 20.50
N GLN B 16 -16.48 17.60 19.31
CA GLN B 16 -16.27 16.84 18.07
C GLN B 16 -15.65 17.75 17.02
N VAL B 17 -14.85 17.15 16.14
CA VAL B 17 -14.20 17.87 15.05
C VAL B 17 -14.54 17.20 13.74
N THR B 18 -14.63 18.01 12.69
CA THR B 18 -14.78 17.52 11.31
C THR B 18 -13.65 18.12 10.49
N LEU B 19 -12.81 17.25 9.94
CA LEU B 19 -11.65 17.66 9.16
C LEU B 19 -11.90 17.37 7.69
N SER B 20 -11.49 18.31 6.83
CA SER B 20 -11.70 18.20 5.40
C SER B 20 -10.38 17.93 4.69
N CYS B 21 -10.47 17.26 3.55
CA CYS B 21 -9.29 16.95 2.75
C CYS B 21 -9.64 16.98 1.27
N SER B 22 -8.87 17.74 0.50
CA SER B 22 -9.03 17.78 -0.95
C SER B 22 -7.85 17.06 -1.60
N PRO B 23 -8.05 15.87 -2.14
CA PRO B 23 -6.93 15.13 -2.75
C PRO B 23 -6.45 15.82 -4.01
N ILE B 24 -5.32 15.32 -4.52
CA ILE B 24 -4.80 15.82 -5.79
C ILE B 24 -5.81 15.51 -6.89
N SER B 25 -6.00 16.48 -7.79
CA SER B 25 -6.94 16.31 -8.89
C SER B 25 -6.64 15.04 -9.67
N GLY B 26 -7.67 14.20 -9.83
CA GLY B 26 -7.54 12.93 -10.51
C GLY B 26 -7.34 11.75 -9.59
N HIS B 27 -6.86 11.98 -8.37
CA HIS B 27 -6.69 10.89 -7.42
C HIS B 27 -8.03 10.43 -6.87
N ARG B 28 -8.13 9.13 -6.60
CA ARG B 28 -9.37 8.52 -6.15
C ARG B 28 -9.28 7.90 -4.76
N SER B 29 -8.09 7.63 -4.25
CA SER B 29 -7.90 7.02 -2.94
C SER B 29 -7.47 8.08 -1.94
N VAL B 30 -8.11 8.09 -0.77
CA VAL B 30 -7.81 9.04 0.28
C VAL B 30 -7.58 8.27 1.58
N SER B 31 -6.39 8.43 2.15
CA SER B 31 -6.03 7.78 3.41
C SER B 31 -5.87 8.84 4.50
N TRP B 32 -6.30 8.50 5.70
CA TRP B 32 -6.16 9.36 6.87
C TRP B 32 -5.21 8.72 7.88
N TYR B 33 -4.34 9.55 8.45
CA TYR B 33 -3.37 9.10 9.45
C TYR B 33 -3.38 10.04 10.65
N GLN B 34 -2.99 9.51 11.80
CA GLN B 34 -2.78 10.28 13.01
C GLN B 34 -1.32 10.19 13.39
N GLN B 35 -0.64 11.34 13.46
CA GLN B 35 0.79 11.38 13.75
C GLN B 35 1.01 12.04 15.10
N THR B 36 1.61 11.28 16.03
CA THR B 36 1.97 11.74 17.36
C THR B 36 3.47 11.57 17.58
N PRO B 37 4.08 12.37 18.45
CA PRO B 37 5.49 12.12 18.80
C PRO B 37 5.71 10.79 19.50
N GLY B 38 4.69 10.26 20.17
CA GLY B 38 4.83 9.03 20.93
C GLY B 38 4.51 7.77 20.16
N GLN B 39 3.41 7.79 19.41
CA GLN B 39 2.96 6.61 18.68
C GLN B 39 3.38 6.63 17.20
N GLY B 40 3.82 7.76 16.68
CA GLY B 40 4.24 7.82 15.29
C GLY B 40 3.07 7.95 14.34
N LEU B 41 3.25 7.42 13.13
CA LEU B 41 2.26 7.51 12.06
C LEU B 41 1.31 6.33 12.19
N GLN B 42 0.10 6.58 12.71
CA GLN B 42 -0.90 5.55 12.91
C GLN B 42 -2.00 5.68 11.86
N PHE B 43 -2.40 4.54 11.29
CA PHE B 43 -3.35 4.51 10.20
C PHE B 43 -4.79 4.51 10.73
N LEU B 44 -5.65 5.27 10.05
CA LEU B 44 -7.05 5.38 10.44
C LEU B 44 -7.94 4.57 9.51
N PHE B 45 -8.09 5.03 8.27
CA PHE B 45 -8.91 4.36 7.27
C PHE B 45 -8.57 4.93 5.90
N GLU B 46 -8.91 4.17 4.86
CA GLU B 46 -8.68 4.57 3.48
C GLU B 46 -9.98 4.41 2.70
N TYR B 47 -10.30 5.42 1.88
CA TYR B 47 -11.56 5.47 1.16
C TYR B 47 -11.31 5.47 -0.34
N PHE B 48 -12.13 4.73 -1.06
CA PHE B 48 -12.10 4.68 -2.52
C PHE B 48 -13.52 4.51 -3.04
N SER B 49 -13.91 5.36 -3.98
CA SER B 49 -15.23 5.32 -4.59
C SER B 49 -16.34 5.40 -3.54
N GLU B 50 -16.20 6.39 -2.65
CA GLU B 50 -17.20 6.71 -1.63
C GLU B 50 -17.38 5.59 -0.61
N THR B 51 -16.45 4.65 -0.53
CA THR B 51 -16.57 3.51 0.36
C THR B 51 -15.24 3.27 1.07
N GLN B 52 -15.33 2.80 2.31
CA GLN B 52 -14.15 2.49 3.11
C GLN B 52 -13.57 1.16 2.66
N ARG B 53 -12.35 1.20 2.13
CA ARG B 53 -11.67 -0.01 1.67
C ARG B 53 -10.87 -0.68 2.79
N ASN B 54 -9.97 0.07 3.42
CA ASN B 54 -9.12 -0.44 4.49
C ASN B 54 -9.44 0.29 5.78
N LYS B 55 -9.24 -0.39 6.91
CA LYS B 55 -9.61 0.12 8.21
C LYS B 55 -8.48 -0.12 9.20
N GLY B 56 -8.15 0.90 9.98
CA GLY B 56 -7.16 0.78 11.02
C GLY B 56 -7.74 0.19 12.29
N ASN B 57 -7.04 0.42 13.40
CA ASN B 57 -7.46 -0.11 14.69
C ASN B 57 -7.94 0.97 15.64
N PHE B 58 -8.42 2.10 15.11
CA PHE B 58 -8.96 3.15 15.96
C PHE B 58 -10.41 2.86 16.32
N PRO B 59 -10.88 3.36 17.47
CA PRO B 59 -12.26 3.07 17.90
C PRO B 59 -13.31 3.65 16.98
N GLY B 60 -14.58 3.38 17.27
CA GLY B 60 -15.67 3.79 16.41
C GLY B 60 -15.90 5.28 16.36
N ARG B 61 -15.45 6.02 17.37
CA ARG B 61 -15.63 7.47 17.37
C ARG B 61 -14.81 8.16 16.29
N PHE B 62 -13.82 7.47 15.72
CA PHE B 62 -13.10 7.96 14.55
C PHE B 62 -13.81 7.44 13.31
N SER B 63 -14.47 8.34 12.58
CA SER B 63 -15.23 7.97 11.39
C SER B 63 -14.81 8.83 10.22
N GLY B 64 -15.04 8.31 9.01
CA GLY B 64 -14.67 9.01 7.80
C GLY B 64 -15.77 8.90 6.75
N ARG B 65 -15.54 9.58 5.64
CA ARG B 65 -16.51 9.66 4.54
C ARG B 65 -15.81 10.24 3.32
N GLN B 66 -16.21 9.78 2.15
CA GLN B 66 -15.68 10.27 0.88
C GLN B 66 -16.82 10.60 -0.07
N PHE B 67 -16.74 11.77 -0.70
CA PHE B 67 -17.80 12.23 -1.59
C PHE B 67 -17.53 11.78 -3.02
N SER B 68 -18.44 12.13 -3.92
CA SER B 68 -18.34 11.67 -5.31
C SER B 68 -17.12 12.26 -6.01
N ASN B 69 -16.73 13.49 -5.67
CA ASN B 69 -15.55 14.11 -6.25
C ASN B 69 -14.25 13.68 -5.57
N SER B 70 -14.30 12.58 -4.81
CA SER B 70 -13.18 11.97 -4.09
C SER B 70 -12.70 12.79 -2.91
N ARG B 71 -13.25 13.99 -2.68
CA ARG B 71 -12.92 14.72 -1.47
C ARG B 71 -13.42 13.95 -0.24
N SER B 72 -12.72 14.11 0.88
CA SER B 72 -12.97 13.31 2.05
C SER B 72 -13.19 14.20 3.28
N GLU B 73 -13.93 13.67 4.24
CA GLU B 73 -14.10 14.30 5.54
C GLU B 73 -13.89 13.26 6.63
N MET B 74 -13.38 13.72 7.77
CA MET B 74 -13.09 12.86 8.91
C MET B 74 -13.71 13.46 10.15
N ASN B 75 -14.24 12.60 11.01
CA ASN B 75 -14.94 13.04 12.22
C ASN B 75 -14.42 12.28 13.43
N VAL B 76 -14.24 13.01 14.53
CA VAL B 76 -13.84 12.43 15.82
C VAL B 76 -14.84 12.89 16.87
N SER B 77 -15.48 11.95 17.55
CA SER B 77 -16.43 12.25 18.61
C SER B 77 -15.79 12.04 19.98
N THR B 78 -16.34 12.73 20.97
CA THR B 78 -15.87 12.68 22.36
C THR B 78 -14.35 12.83 22.42
N LEU B 79 -13.91 14.03 22.08
CA LEU B 79 -12.48 14.31 22.00
C LEU B 79 -11.82 14.13 23.36
N GLU B 80 -10.70 13.42 23.36
CA GLU B 80 -9.90 13.19 24.56
C GLU B 80 -8.57 13.91 24.41
N LEU B 81 -7.92 14.15 25.56
CA LEU B 81 -6.64 14.86 25.55
C LEU B 81 -5.60 14.10 24.73
N GLY B 82 -5.66 12.77 24.75
CA GLY B 82 -4.73 11.96 23.98
C GLY B 82 -4.94 12.04 22.48
N ASP B 83 -6.04 12.63 22.02
CA ASP B 83 -6.29 12.78 20.59
C ASP B 83 -5.52 13.93 19.98
N SER B 84 -4.81 14.71 20.78
CA SER B 84 -4.01 15.82 20.26
C SER B 84 -2.90 15.29 19.37
N ALA B 85 -2.93 15.64 18.10
CA ALA B 85 -1.99 15.12 17.12
C ALA B 85 -2.09 15.94 15.85
N LEU B 86 -1.33 15.51 14.83
CA LEU B 86 -1.44 16.05 13.49
C LEU B 86 -2.16 15.01 12.64
N TYR B 87 -3.36 15.34 12.19
CA TYR B 87 -4.18 14.41 11.41
C TYR B 87 -3.91 14.64 9.93
N LEU B 88 -3.20 13.69 9.32
CA LEU B 88 -2.72 13.81 7.96
C LEU B 88 -3.66 13.11 6.98
N CYS B 89 -3.69 13.62 5.76
CA CYS B 89 -4.47 13.06 4.67
C CYS B 89 -3.53 12.72 3.52
N ALA B 90 -3.57 11.47 3.07
CA ALA B 90 -2.75 11.01 1.97
C ALA B 90 -3.62 10.69 0.77
N SER B 91 -3.13 11.04 -0.42
CA SER B 91 -3.88 10.94 -1.66
C SER B 91 -3.12 10.05 -2.64
N SER B 92 -3.87 9.24 -3.39
CA SER B 92 -3.28 8.31 -4.35
C SER B 92 -4.23 8.12 -5.51
N LEU B 93 -3.66 7.76 -6.68
CA LEU B 93 -4.47 7.44 -7.83
C LEU B 93 -5.49 6.34 -7.51
N GLU B 94 -5.01 5.25 -6.90
CA GLU B 94 -5.87 4.18 -6.44
C GLU B 94 -5.11 3.31 -5.44
N ARG B 95 -3.97 2.75 -5.87
CA ARG B 95 -3.11 1.97 -5.00
C ARG B 95 -1.65 2.39 -5.07
N GLU B 96 -1.32 3.45 -5.80
CA GLU B 96 0.06 3.83 -6.03
C GLU B 96 0.58 4.77 -4.95
N THR B 97 1.46 5.70 -5.34
CA THR B 97 2.14 6.55 -4.37
C THR B 97 1.15 7.45 -3.64
N GLN B 98 1.27 7.48 -2.31
CA GLN B 98 0.43 8.33 -1.47
C GLN B 98 1.14 9.66 -1.25
N TYR B 99 0.47 10.76 -1.58
CA TYR B 99 0.98 12.11 -1.38
C TYR B 99 0.23 12.75 -0.23
N PHE B 100 0.97 13.25 0.76
CA PHE B 100 0.37 13.78 1.97
C PHE B 100 0.03 15.26 1.82
N GLY B 101 -0.89 15.70 2.68
CA GLY B 101 -1.24 17.10 2.77
C GLY B 101 -0.60 17.75 4.00
N PRO B 102 -0.90 19.02 4.23
CA PRO B 102 -0.28 19.72 5.38
C PRO B 102 -0.73 19.18 6.73
N GLY B 103 -1.93 18.60 6.82
CA GLY B 103 -2.42 18.08 8.07
C GLY B 103 -3.13 19.12 8.91
N THR B 104 -4.00 18.63 9.80
CA THR B 104 -4.70 19.46 10.77
C THR B 104 -4.05 19.27 12.13
N ARG B 105 -3.46 20.33 12.67
CA ARG B 105 -2.85 20.28 14.00
C ARG B 105 -3.97 20.49 15.03
N LEU B 106 -4.42 19.39 15.62
CA LEU B 106 -5.50 19.42 16.60
C LEU B 106 -4.93 19.33 18.01
N LEU B 107 -5.29 20.29 18.85
CA LEU B 107 -4.94 20.28 20.26
C LEU B 107 -6.20 20.20 21.09
N VAL B 108 -6.29 19.20 21.94
CA VAL B 108 -7.43 18.99 22.82
C VAL B 108 -7.02 19.40 24.23
N LEU B 109 -7.79 20.30 24.83
CA LEU B 109 -7.49 20.85 26.15
C LEU B 109 -8.62 20.52 27.12
N GLU B 110 -8.36 20.73 28.41
CA GLU B 110 -9.41 20.62 29.41
C GLU B 110 -10.28 21.86 29.47
N ASP B 111 -9.76 23.01 29.07
CA ASP B 111 -10.51 24.25 29.03
C ASP B 111 -9.76 25.22 28.10
N LEU B 112 -10.15 26.49 28.13
CA LEU B 112 -9.55 27.51 27.28
C LEU B 112 -8.92 28.65 28.09
N LYS B 113 -8.82 28.49 29.41
CA LYS B 113 -8.34 29.57 30.27
C LYS B 113 -6.83 29.79 30.17
N ASN B 114 -6.10 28.96 29.44
CA ASN B 114 -4.66 29.11 29.28
C ASN B 114 -4.26 29.53 27.88
N VAL B 115 -5.22 29.83 27.02
CA VAL B 115 -4.94 30.26 25.65
C VAL B 115 -4.64 31.75 25.67
N PHE B 116 -3.46 32.13 25.17
CA PHE B 116 -3.02 33.52 25.16
C PHE B 116 -2.45 33.89 23.80
N PRO B 117 -2.72 35.10 23.32
CA PRO B 117 -2.08 35.57 22.09
C PRO B 117 -0.66 36.03 22.38
N PRO B 118 0.20 36.08 21.37
CA PRO B 118 1.59 36.47 21.60
C PRO B 118 1.77 37.98 21.71
N GLU B 119 2.82 38.37 22.40
CA GLU B 119 3.33 39.73 22.40
C GLU B 119 4.55 39.78 21.49
N VAL B 120 4.57 40.73 20.56
CA VAL B 120 5.61 40.82 19.54
C VAL B 120 6.41 42.09 19.77
N ALA B 121 7.73 41.98 19.62
CA ALA B 121 8.64 43.11 19.79
C ALA B 121 9.81 42.94 18.84
N VAL B 122 10.20 44.05 18.21
CA VAL B 122 11.32 44.09 17.28
C VAL B 122 12.50 44.78 17.96
N PHE B 123 13.69 44.25 17.74
CA PHE B 123 14.91 44.80 18.32
C PHE B 123 15.82 45.28 17.20
N GLU B 124 16.20 46.56 17.27
CA GLU B 124 16.99 47.17 16.20
C GLU B 124 18.43 46.67 16.24
N PRO B 125 19.09 46.60 15.08
CA PRO B 125 20.44 46.04 15.03
C PRO B 125 21.45 46.89 15.80
N SER B 126 22.53 46.23 16.21
CA SER B 126 23.57 46.89 16.99
C SER B 126 24.45 47.76 16.10
N GLU B 127 24.81 48.94 16.63
CA GLU B 127 25.74 49.80 15.92
C GLU B 127 27.13 49.19 15.81
N ALA B 128 27.49 48.28 16.71
CA ALA B 128 28.77 47.59 16.62
C ALA B 128 28.80 46.63 15.44
N GLU B 129 27.68 45.94 15.19
CA GLU B 129 27.61 45.04 14.04
C GLU B 129 27.68 45.83 12.73
N ILE B 130 27.06 47.00 12.70
CA ILE B 130 27.01 47.79 11.46
C ILE B 130 28.41 48.25 11.07
N SER B 131 29.18 48.74 12.04
CA SER B 131 30.53 49.22 11.73
C SER B 131 31.51 48.08 11.51
N HIS B 132 31.25 46.90 12.09
CA HIS B 132 32.18 45.78 11.99
C HIS B 132 31.93 44.93 10.75
N THR B 133 30.67 44.70 10.38
CA THR B 133 30.34 43.80 9.28
C THR B 133 29.61 44.45 8.12
N GLN B 134 29.23 45.72 8.24
CA GLN B 134 28.43 46.41 7.21
C GLN B 134 27.09 45.71 6.97
N LYS B 135 26.59 45.01 7.99
CA LYS B 135 25.31 44.33 7.91
C LYS B 135 24.53 44.58 9.19
N ALA B 136 23.20 44.54 9.08
CA ALA B 136 22.31 44.87 10.18
C ALA B 136 21.35 43.71 10.41
N THR B 137 21.34 43.17 11.62
CA THR B 137 20.50 42.04 11.99
C THR B 137 19.40 42.51 12.94
N LEU B 138 18.16 42.37 12.50
CA LEU B 138 17.01 42.62 13.37
C LEU B 138 16.56 41.30 14.00
N VAL B 139 16.03 41.39 15.22
CA VAL B 139 15.58 40.22 15.96
C VAL B 139 14.16 40.45 16.43
N CYS B 140 13.28 39.48 16.16
CA CYS B 140 11.89 39.53 16.58
C CYS B 140 11.65 38.52 17.68
N LEU B 141 10.88 38.91 18.69
CA LEU B 141 10.62 38.07 19.86
C LEU B 141 9.12 38.02 20.11
N ALA B 142 8.50 36.88 19.81
CA ALA B 142 7.11 36.62 20.14
C ALA B 142 7.08 35.78 21.41
N THR B 143 6.43 36.30 22.46
CA THR B 143 6.43 35.66 23.76
C THR B 143 5.02 35.61 24.34
N GLY B 144 4.83 34.66 25.26
CA GLY B 144 3.63 34.61 26.06
C GLY B 144 2.39 34.06 25.39
N PHE B 145 2.54 33.25 24.34
CA PHE B 145 1.40 32.69 23.64
C PHE B 145 1.24 31.21 23.96
N PHE B 146 -0.01 30.75 23.88
CA PHE B 146 -0.35 29.34 24.07
C PHE B 146 -1.63 29.09 23.27
N PRO B 147 -1.67 28.03 22.46
CA PRO B 147 -0.56 27.09 22.22
C PRO B 147 0.43 27.62 21.18
N ASP B 148 1.30 26.74 20.68
CA ASP B 148 2.30 27.11 19.69
C ASP B 148 1.76 27.06 18.27
N HIS B 149 0.52 27.52 18.05
CA HIS B 149 -0.06 27.60 16.71
C HIS B 149 0.22 29.01 16.17
N VAL B 150 1.43 29.17 15.66
CA VAL B 150 1.96 30.49 15.32
C VAL B 150 2.73 30.39 14.00
N GLU B 151 2.57 31.40 13.16
CA GLU B 151 3.31 31.52 11.90
C GLU B 151 3.92 32.91 11.82
N LEU B 152 5.25 32.98 11.84
CA LEU B 152 5.97 34.24 11.85
C LEU B 152 6.49 34.56 10.45
N SER B 153 6.36 35.82 10.06
CA SER B 153 6.85 36.29 8.76
C SER B 153 7.40 37.70 8.89
N TRP B 154 8.31 38.04 7.99
CA TRP B 154 8.92 39.37 7.93
C TRP B 154 8.39 40.11 6.71
N TRP B 155 8.15 41.40 6.88
CA TRP B 155 7.62 42.25 5.81
C TRP B 155 8.47 43.53 5.74
N VAL B 156 9.17 43.70 4.63
CA VAL B 156 10.00 44.88 4.39
C VAL B 156 9.28 45.76 3.38
N ASN B 157 8.96 46.99 3.78
CA ASN B 157 8.29 47.97 2.91
C ASN B 157 7.01 47.40 2.32
N GLY B 158 6.23 46.71 3.14
CA GLY B 158 4.95 46.18 2.74
C GLY B 158 5.00 44.89 1.94
N LYS B 159 6.18 44.37 1.64
CA LYS B 159 6.33 43.14 0.90
C LYS B 159 7.02 42.10 1.77
N GLU B 160 6.51 40.87 1.73
CA GLU B 160 7.08 39.80 2.54
C GLU B 160 8.41 39.34 1.96
N VAL B 161 9.40 39.17 2.83
CA VAL B 161 10.73 38.74 2.42
C VAL B 161 11.05 37.41 3.09
N HIS B 162 11.87 36.61 2.40
CA HIS B 162 12.42 35.38 2.95
C HIS B 162 13.94 35.35 2.95
N SER B 163 14.59 36.12 2.09
CA SER B 163 16.05 36.16 2.06
C SER B 163 16.60 36.80 3.33
N GLY B 164 17.61 36.16 3.91
CA GLY B 164 18.19 36.66 5.13
C GLY B 164 17.34 36.49 6.37
N VAL B 165 16.36 35.60 6.33
CA VAL B 165 15.43 35.36 7.43
C VAL B 165 15.69 33.98 8.01
N CYS B 166 15.69 33.89 9.33
CA CYS B 166 15.78 32.61 10.02
C CYS B 166 14.90 32.64 11.26
N THR B 167 13.88 31.79 11.28
CA THR B 167 13.00 31.63 12.42
C THR B 167 13.30 30.30 13.11
N ASP B 168 13.15 30.28 14.44
CA ASP B 168 13.33 29.04 15.17
C ASP B 168 12.33 28.00 14.68
N PRO B 169 12.75 26.75 14.47
CA PRO B 169 11.82 25.74 13.96
C PRO B 169 10.70 25.42 14.94
N GLN B 170 11.01 25.36 16.24
CA GLN B 170 10.02 25.04 17.25
C GLN B 170 10.05 26.10 18.35
N PRO B 171 8.90 26.63 18.75
CA PRO B 171 8.88 27.59 19.87
C PRO B 171 9.30 26.91 21.17
N LEU B 172 10.05 27.65 21.98
CA LEU B 172 10.53 27.15 23.25
C LEU B 172 9.54 27.47 24.38
N LYS B 173 9.49 26.60 25.36
CA LYS B 173 8.60 26.79 26.50
C LYS B 173 9.25 27.74 27.50
N GLU B 174 8.47 28.72 27.98
CA GLU B 174 8.99 29.67 28.94
C GLU B 174 9.18 29.05 30.32
N GLN B 175 8.31 28.12 30.70
CA GLN B 175 8.38 27.41 31.98
C GLN B 175 8.43 25.91 31.69
N PRO B 176 9.63 25.38 31.36
CA PRO B 176 9.71 23.98 30.91
C PRO B 176 9.20 22.97 31.92
N ALA B 177 9.00 23.34 33.18
CA ALA B 177 8.50 22.41 34.18
C ALA B 177 6.99 22.38 34.26
N LEU B 178 6.32 23.50 33.99
CA LEU B 178 4.87 23.56 34.08
C LEU B 178 4.25 22.91 32.84
N ASN B 179 3.23 22.08 33.07
CA ASN B 179 2.55 21.42 31.96
C ASN B 179 1.68 22.39 31.16
N ASP B 180 1.37 23.55 31.71
CA ASP B 180 0.57 24.57 31.03
C ASP B 180 1.41 25.81 30.72
N SER B 181 2.66 25.59 30.30
CA SER B 181 3.57 26.69 30.03
C SER B 181 3.27 27.36 28.70
N ARG B 182 3.53 28.66 28.63
CA ARG B 182 3.42 29.40 27.39
C ARG B 182 4.74 29.34 26.63
N TYR B 183 4.68 29.74 25.36
CA TYR B 183 5.80 29.57 24.45
C TYR B 183 6.41 30.91 24.06
N ALA B 184 7.62 30.83 23.49
CA ALA B 184 8.33 31.99 22.98
C ALA B 184 9.00 31.62 21.67
N LEU B 185 9.02 32.56 20.73
CA LEU B 185 9.58 32.33 19.40
C LEU B 185 10.47 33.49 19.00
N SER B 186 11.61 33.17 18.40
CA SER B 186 12.58 34.16 17.96
C SER B 186 12.82 34.04 16.46
N SER B 187 13.10 35.16 15.83
CA SER B 187 13.38 35.20 14.40
C SER B 187 14.36 36.34 14.12
N ARG B 188 15.09 36.19 13.02
CA ARG B 188 16.11 37.16 12.63
C ARG B 188 15.93 37.57 11.18
N LEU B 189 16.30 38.83 10.89
CA LEU B 189 16.33 39.35 9.53
C LEU B 189 17.59 40.18 9.38
N ARG B 190 18.47 39.79 8.46
CA ARG B 190 19.73 40.46 8.25
C ARG B 190 19.73 41.14 6.89
N VAL B 191 19.93 42.45 6.89
CA VAL B 191 20.07 43.22 5.66
C VAL B 191 21.40 43.95 5.70
N SER B 192 21.74 44.66 4.64
CA SER B 192 22.96 45.46 4.64
C SER B 192 22.79 46.66 5.55
N ALA B 193 23.91 47.17 6.05
CA ALA B 193 23.89 48.29 6.99
C ALA B 193 23.25 49.53 6.37
N THR B 194 23.66 49.87 5.14
CA THR B 194 23.16 51.08 4.52
C THR B 194 21.68 50.96 4.16
N PHE B 195 21.19 49.74 3.92
CA PHE B 195 19.76 49.56 3.71
C PHE B 195 18.99 49.81 5.00
N TRP B 196 19.52 49.34 6.13
CA TRP B 196 18.87 49.60 7.41
C TRP B 196 18.94 51.07 7.80
N GLN B 197 20.01 51.76 7.40
CA GLN B 197 20.20 53.16 7.78
C GLN B 197 19.40 54.12 6.92
N ASN B 198 18.49 53.63 6.07
CA ASN B 198 17.64 54.48 5.26
C ASN B 198 16.32 54.69 5.97
N PRO B 199 15.98 55.92 6.38
CA PRO B 199 14.72 56.14 7.11
C PRO B 199 13.47 55.82 6.31
N ARG B 200 13.58 55.66 4.99
CA ARG B 200 12.42 55.31 4.18
C ARG B 200 12.07 53.83 4.23
N ASN B 201 13.00 52.99 4.70
CA ASN B 201 12.77 51.55 4.75
C ASN B 201 12.02 51.18 6.02
N HIS B 202 11.02 50.32 5.89
CA HIS B 202 10.15 49.93 6.98
C HIS B 202 10.22 48.42 7.17
N PHE B 203 10.50 47.99 8.40
CA PHE B 203 10.64 46.58 8.73
C PHE B 203 9.54 46.20 9.71
N ARG B 204 8.80 45.14 9.40
CA ARG B 204 7.71 44.67 10.25
C ARG B 204 7.85 43.16 10.48
N CYS B 205 7.76 42.75 11.73
CA CYS B 205 7.67 41.35 12.10
C CYS B 205 6.22 41.02 12.41
N GLN B 206 5.65 40.09 11.64
CA GLN B 206 4.24 39.74 11.75
C GLN B 206 4.10 38.31 12.28
N VAL B 207 3.30 38.14 13.32
CA VAL B 207 3.06 36.84 13.94
C VAL B 207 1.58 36.54 13.84
N GLN B 208 1.23 35.48 13.10
CA GLN B 208 -0.15 35.03 12.97
C GLN B 208 -0.45 34.03 14.08
N PHE B 209 -1.45 34.33 14.89
CA PHE B 209 -1.85 33.48 16.01
C PHE B 209 -3.17 32.81 15.66
N TYR B 210 -3.19 31.47 15.74
CA TYR B 210 -4.40 30.69 15.53
C TYR B 210 -4.96 30.33 16.90
N GLY B 211 -6.06 30.97 17.28
CA GLY B 211 -6.65 30.76 18.59
C GLY B 211 -8.07 30.25 18.56
N LEU B 212 -8.95 30.91 19.30
CA LEU B 212 -10.33 30.49 19.42
C LEU B 212 -11.18 31.07 18.29
N SER B 213 -12.23 30.33 17.93
CA SER B 213 -13.17 30.81 16.93
C SER B 213 -14.33 31.52 17.62
N GLU B 214 -15.19 32.14 16.79
CA GLU B 214 -16.36 32.83 17.33
C GLU B 214 -17.35 31.87 17.98
N ASN B 215 -17.30 30.58 17.61
CA ASN B 215 -18.19 29.61 18.23
C ASN B 215 -17.79 29.31 19.67
N ASP B 216 -16.51 29.45 19.99
CA ASP B 216 -16.03 29.13 21.34
C ASP B 216 -16.52 30.16 22.34
N GLU B 217 -17.17 29.69 23.40
CA GLU B 217 -17.60 30.58 24.47
C GLU B 217 -16.41 31.06 25.27
N TRP B 218 -16.56 32.23 25.90
CA TRP B 218 -15.50 32.84 26.68
C TRP B 218 -16.12 33.51 27.91
N THR B 219 -15.86 32.95 29.09
CA THR B 219 -16.43 33.46 30.32
C THR B 219 -15.47 34.37 31.09
N GLN B 220 -14.17 34.26 30.86
CA GLN B 220 -13.20 35.03 31.62
C GLN B 220 -13.29 36.51 31.25
N ASP B 221 -12.68 37.34 32.10
CA ASP B 221 -12.81 38.79 31.98
C ASP B 221 -11.82 39.40 31.00
N ARG B 222 -10.70 38.74 30.72
CA ARG B 222 -9.74 39.28 29.78
C ARG B 222 -10.26 39.13 28.36
N ALA B 223 -9.55 39.76 27.42
CA ALA B 223 -9.96 39.72 26.02
C ALA B 223 -9.90 38.29 25.48
N LYS B 224 -10.91 37.92 24.71
CA LYS B 224 -10.99 36.58 24.14
C LYS B 224 -9.83 36.35 23.18
N PRO B 225 -8.99 35.34 23.40
CA PRO B 225 -7.81 35.10 22.53
C PRO B 225 -8.17 34.46 21.21
N VAL B 226 -8.88 35.23 20.38
CA VAL B 226 -9.31 34.75 19.06
C VAL B 226 -8.13 34.70 18.11
N THR B 227 -8.34 34.09 16.95
CA THR B 227 -7.32 34.11 15.90
C THR B 227 -7.05 35.54 15.48
N GLN B 228 -5.79 35.94 15.51
CA GLN B 228 -5.43 37.34 15.30
C GLN B 228 -3.99 37.44 14.81
N ILE B 229 -3.63 38.64 14.37
CA ILE B 229 -2.28 38.96 13.93
C ILE B 229 -1.70 39.99 14.88
N VAL B 230 -0.55 39.67 15.47
CA VAL B 230 0.19 40.59 16.33
C VAL B 230 1.52 40.87 15.66
N SER B 231 1.85 42.15 15.54
CA SER B 231 3.03 42.56 14.80
C SER B 231 3.72 43.73 15.49
N ALA B 232 5.01 43.88 15.18
CA ALA B 232 5.81 45.00 15.68
C ALA B 232 6.66 45.53 14.53
N GLU B 233 6.92 46.83 14.55
CA GLU B 233 7.56 47.51 13.43
C GLU B 233 8.75 48.33 13.91
N ALA B 234 9.61 48.70 12.96
CA ALA B 234 10.77 49.53 13.24
C ALA B 234 11.24 50.16 11.94
N TRP B 235 11.41 51.48 11.96
CA TRP B 235 11.90 52.21 10.79
C TRP B 235 13.42 52.20 10.75
N GLY B 236 13.96 52.49 9.57
CA GLY B 236 15.38 52.69 9.46
C GLY B 236 15.82 54.00 10.09
N ARG B 237 17.05 54.01 10.61
CA ARG B 237 17.60 55.21 11.23
C ARG B 237 19.03 55.41 10.75
N ALA B 238 19.33 56.63 10.31
CA ALA B 238 20.66 56.98 9.84
C ALA B 238 21.54 57.44 11.00
N ILE C 3 -1.87 -18.47 -26.80
CA ILE C 3 -0.59 -18.35 -26.09
C ILE C 3 -0.11 -19.71 -25.61
N VAL C 4 1.04 -20.14 -26.11
CA VAL C 4 1.63 -21.42 -25.75
C VAL C 4 2.62 -21.21 -24.61
N ALA C 5 2.48 -22.00 -23.55
CA ALA C 5 3.36 -21.87 -22.39
C ALA C 5 3.41 -23.20 -21.66
N ASP C 6 4.51 -23.40 -20.92
CA ASP C 6 4.66 -24.62 -20.13
C ASP C 6 3.80 -24.58 -18.86
N HIS C 7 3.63 -23.41 -18.27
CA HIS C 7 2.84 -23.25 -17.05
C HIS C 7 2.07 -21.94 -17.14
N VAL C 8 0.76 -22.00 -16.87
CA VAL C 8 -0.11 -20.84 -16.88
C VAL C 8 -0.64 -20.64 -15.48
N ALA C 9 -0.48 -19.43 -14.95
CA ALA C 9 -0.92 -19.09 -13.60
C ALA C 9 -1.85 -17.89 -13.66
N SER C 10 -2.96 -17.96 -12.93
CA SER C 10 -3.86 -16.84 -12.77
C SER C 10 -3.64 -16.26 -11.37
N TYR C 11 -2.61 -15.41 -11.26
CA TYR C 11 -2.32 -14.73 -10.01
C TYR C 11 -3.29 -13.55 -9.86
N GLY C 12 -4.55 -13.92 -9.65
CA GLY C 12 -5.62 -12.97 -9.57
C GLY C 12 -6.76 -13.27 -10.51
N VAL C 13 -7.60 -14.24 -10.17
CA VAL C 13 -8.93 -14.35 -10.77
C VAL C 13 -9.88 -13.60 -9.86
N ASN C 14 -10.32 -12.44 -10.33
CA ASN C 14 -11.16 -11.53 -9.56
C ASN C 14 -12.57 -11.56 -10.13
N LEU C 15 -13.55 -11.81 -9.27
CA LEU C 15 -14.94 -11.91 -9.68
C LEU C 15 -15.80 -10.95 -8.87
N TYR C 16 -16.76 -10.32 -9.54
CA TYR C 16 -17.77 -9.52 -8.87
C TYR C 16 -19.00 -9.44 -9.76
N GLN C 17 -20.17 -9.68 -9.18
CA GLN C 17 -21.41 -9.67 -9.93
C GLN C 17 -22.49 -8.95 -9.13
N SER C 18 -23.44 -8.35 -9.84
CA SER C 18 -24.47 -7.54 -9.19
C SER C 18 -25.45 -8.38 -8.40
N TYR C 19 -25.73 -9.60 -8.85
CA TYR C 19 -26.66 -10.46 -8.13
C TYR C 19 -26.08 -10.83 -6.77
N GLY C 20 -26.70 -10.32 -5.71
CA GLY C 20 -26.21 -10.57 -4.37
C GLY C 20 -26.18 -9.31 -3.53
N PRO C 21 -25.13 -8.50 -3.68
CA PRO C 21 -24.00 -8.72 -4.59
C PRO C 21 -23.02 -9.77 -4.07
N SER C 22 -22.14 -10.27 -4.94
CA SER C 22 -21.22 -11.32 -4.56
C SER C 22 -19.93 -11.18 -5.34
N GLY C 23 -18.85 -11.72 -4.77
CA GLY C 23 -17.55 -11.67 -5.39
C GLY C 23 -16.70 -12.85 -4.96
N GLN C 24 -15.53 -12.97 -5.59
CA GLN C 24 -14.63 -14.07 -5.30
C GLN C 24 -13.22 -13.69 -5.72
N TYR C 25 -12.24 -14.05 -4.88
CA TYR C 25 -10.84 -13.90 -5.21
C TYR C 25 -10.13 -15.22 -4.96
N SER C 26 -9.27 -15.62 -5.90
CA SER C 26 -8.50 -16.84 -5.75
C SER C 26 -7.29 -16.76 -6.68
N HIS C 27 -6.38 -17.72 -6.52
CA HIS C 27 -5.22 -17.85 -7.38
C HIS C 27 -5.18 -19.28 -7.94
N GLU C 28 -4.79 -19.39 -9.20
CA GLU C 28 -4.76 -20.68 -9.88
C GLU C 28 -3.40 -20.90 -10.53
N PHE C 29 -2.98 -22.16 -10.58
CA PHE C 29 -1.73 -22.55 -11.22
C PHE C 29 -1.97 -23.84 -11.97
N ASP C 30 -1.77 -23.80 -13.30
CA ASP C 30 -2.01 -24.95 -14.17
C ASP C 30 -3.43 -25.48 -14.02
N GLY C 31 -4.39 -24.60 -13.77
CA GLY C 31 -5.79 -24.96 -13.70
C GLY C 31 -6.30 -25.35 -12.33
N ASP C 32 -5.45 -25.34 -11.31
CA ASP C 32 -5.83 -25.76 -9.97
C ASP C 32 -5.83 -24.56 -9.02
N GLU C 33 -6.79 -24.55 -8.10
CA GLU C 33 -6.96 -23.43 -7.18
C GLU C 33 -5.99 -23.55 -6.01
N GLU C 34 -5.08 -22.58 -5.90
CA GLU C 34 -4.13 -22.57 -4.79
C GLU C 34 -4.81 -22.15 -3.48
N PHE C 35 -5.58 -21.06 -3.53
CA PHE C 35 -6.30 -20.58 -2.37
C PHE C 35 -7.48 -19.74 -2.85
N TYR C 36 -8.41 -19.52 -1.94
CA TYR C 36 -9.45 -18.52 -2.12
C TYR C 36 -9.56 -17.69 -0.85
N VAL C 37 -9.87 -16.42 -1.01
CA VAL C 37 -10.03 -15.50 0.11
C VAL C 37 -11.51 -15.44 0.49
N ASP C 38 -11.82 -15.81 1.72
CA ASP C 38 -13.16 -15.65 2.26
C ASP C 38 -13.40 -14.16 2.48
N LEU C 39 -14.15 -13.53 1.58
CA LEU C 39 -14.33 -12.09 1.62
C LEU C 39 -15.10 -11.63 2.85
N GLU C 40 -15.89 -12.52 3.47
CA GLU C 40 -16.63 -12.15 4.67
C GLU C 40 -15.76 -12.27 5.92
N ARG C 41 -15.12 -13.41 6.11
CA ARG C 41 -14.27 -13.62 7.27
C ARG C 41 -12.88 -13.04 7.10
N LYS C 42 -12.52 -12.58 5.89
CA LYS C 42 -11.21 -11.98 5.62
C LYS C 42 -10.09 -12.95 5.98
N GLU C 43 -10.14 -14.15 5.40
CA GLU C 43 -9.15 -15.18 5.62
C GLU C 43 -8.72 -15.78 4.30
N THR C 44 -7.46 -16.20 4.23
CA THR C 44 -6.92 -16.89 3.07
C THR C 44 -6.98 -18.40 3.31
N VAL C 45 -7.67 -19.11 2.43
CA VAL C 45 -7.90 -20.55 2.60
C VAL C 45 -7.12 -21.32 1.54
N TRP C 46 -5.90 -21.74 1.86
CA TRP C 46 -5.10 -22.51 0.92
C TRP C 46 -5.67 -23.92 0.78
N GLN C 47 -5.52 -24.49 -0.41
CA GLN C 47 -6.15 -25.75 -0.77
C GLN C 47 -5.21 -26.95 -0.64
N LEU C 48 -4.05 -26.78 -0.02
CA LEU C 48 -3.13 -27.88 0.20
C LEU C 48 -2.36 -27.64 1.48
N PRO C 49 -2.03 -28.69 2.24
CA PRO C 49 -1.22 -28.51 3.44
C PRO C 49 0.16 -27.94 3.15
N LEU C 50 0.72 -28.24 1.97
CA LEU C 50 2.03 -27.71 1.61
C LEU C 50 2.00 -26.19 1.50
N PHE C 51 0.89 -25.65 1.00
CA PHE C 51 0.78 -24.20 0.84
C PHE C 51 0.66 -23.50 2.19
N ARG C 52 -0.09 -24.09 3.12
CA ARG C 52 -0.30 -23.47 4.42
C ARG C 52 0.98 -23.34 5.24
N ARG C 53 2.02 -24.09 4.89
CA ARG C 53 3.26 -24.08 5.65
C ARG C 53 4.23 -23.01 5.19
N PHE C 54 4.35 -22.80 3.88
CA PHE C 54 5.39 -21.93 3.33
C PHE C 54 4.86 -20.73 2.54
N ARG C 55 3.57 -20.66 2.28
CA ARG C 55 2.99 -19.59 1.46
C ARG C 55 2.06 -18.73 2.31
N ARG C 56 2.06 -17.43 2.02
CA ARG C 56 1.25 -16.48 2.75
C ARG C 56 0.66 -15.46 1.78
N PHE C 57 -0.60 -15.09 2.02
CA PHE C 57 -1.29 -14.10 1.21
C PHE C 57 -2.18 -13.25 2.11
N ASP C 58 -2.00 -11.94 2.05
CA ASP C 58 -2.79 -11.03 2.87
C ASP C 58 -4.20 -10.91 2.29
N PRO C 59 -5.24 -11.32 3.01
CA PRO C 59 -6.60 -11.24 2.45
C PRO C 59 -7.08 -9.82 2.21
N GLN C 60 -6.43 -8.81 2.79
CA GLN C 60 -6.83 -7.43 2.52
C GLN C 60 -6.59 -7.06 1.07
N PHE C 61 -5.60 -7.68 0.42
CA PHE C 61 -5.36 -7.44 -1.00
C PHE C 61 -6.57 -7.82 -1.84
N ALA C 62 -7.28 -8.88 -1.43
CA ALA C 62 -8.48 -9.28 -2.17
C ALA C 62 -9.61 -8.28 -1.99
N LEU C 63 -9.83 -7.82 -0.75
CA LEU C 63 -10.88 -6.83 -0.51
C LEU C 63 -10.60 -5.55 -1.28
N THR C 64 -9.33 -5.17 -1.41
CA THR C 64 -8.99 -3.97 -2.16
C THR C 64 -9.28 -4.13 -3.65
N ASN C 65 -8.97 -5.30 -4.21
CA ASN C 65 -9.22 -5.53 -5.63
C ASN C 65 -10.71 -5.60 -5.93
N ILE C 66 -11.46 -6.36 -5.12
CA ILE C 66 -12.90 -6.52 -5.37
C ILE C 66 -13.61 -5.18 -5.32
N ALA C 67 -13.13 -4.25 -4.48
CA ALA C 67 -13.72 -2.92 -4.45
C ALA C 67 -13.50 -2.18 -5.78
N VAL C 68 -12.35 -2.41 -6.43
CA VAL C 68 -12.13 -1.83 -7.74
C VAL C 68 -13.08 -2.42 -8.77
N LEU C 69 -13.28 -3.75 -8.72
CA LEU C 69 -14.18 -4.39 -9.66
C LEU C 69 -15.61 -3.89 -9.51
N LYS C 70 -16.05 -3.68 -8.27
CA LYS C 70 -17.38 -3.10 -8.05
C LYS C 70 -17.48 -1.71 -8.66
N HIS C 71 -16.42 -0.91 -8.52
CA HIS C 71 -16.40 0.41 -9.15
C HIS C 71 -16.36 0.30 -10.66
N ASN C 72 -15.51 -0.58 -11.20
CA ASN C 72 -15.40 -0.73 -12.64
C ASN C 72 -16.69 -1.26 -13.25
N LEU C 73 -17.37 -2.17 -12.55
CA LEU C 73 -18.62 -2.73 -13.08
C LEU C 73 -19.66 -1.64 -13.26
N ASN C 74 -19.73 -0.69 -12.32
CA ASN C 74 -20.72 0.39 -12.45
C ASN C 74 -20.39 1.31 -13.62
N CYS C 75 -19.11 1.55 -13.91
CA CYS C 75 -18.76 2.40 -15.03
C CYS C 75 -19.08 1.72 -16.35
N VAL C 76 -18.85 0.41 -16.45
CA VAL C 76 -19.03 -0.30 -17.70
C VAL C 76 -20.50 -0.61 -17.96
N ILE C 77 -21.31 -0.79 -16.91
CA ILE C 77 -22.75 -0.94 -17.08
C ILE C 77 -23.33 0.28 -17.78
N LYS C 78 -22.87 1.48 -17.38
CA LYS C 78 -23.33 2.70 -18.03
C LYS C 78 -22.84 2.77 -19.48
N ARG C 79 -21.58 2.38 -19.72
CA ARG C 79 -21.02 2.50 -21.06
C ARG C 79 -21.64 1.48 -22.02
N SER C 80 -21.97 0.29 -21.53
CA SER C 80 -22.54 -0.77 -22.36
C SER C 80 -24.04 -0.67 -22.51
N ASN C 81 -24.65 0.44 -22.07
CA ASN C 81 -26.09 0.64 -22.15
C ASN C 81 -26.87 -0.47 -21.43
N SER C 82 -26.31 -0.93 -20.30
CA SER C 82 -26.93 -1.96 -19.46
C SER C 82 -27.19 -3.24 -20.26
N THR C 83 -26.09 -3.90 -20.59
CA THR C 83 -26.14 -5.17 -21.32
C THR C 83 -26.02 -6.30 -20.30
N ALA C 84 -27.12 -7.03 -20.11
CA ALA C 84 -27.16 -8.08 -19.11
C ALA C 84 -26.35 -9.30 -19.57
N ALA C 85 -25.93 -10.09 -18.59
CA ALA C 85 -25.20 -11.32 -18.88
C ALA C 85 -26.15 -12.37 -19.44
N THR C 86 -25.64 -13.17 -20.37
CA THR C 86 -26.42 -14.25 -20.98
C THR C 86 -26.25 -15.52 -20.17
N ASN C 87 -27.35 -16.21 -19.90
CA ASN C 87 -27.30 -17.45 -19.14
C ASN C 87 -26.85 -18.60 -20.04
N GLU C 88 -25.84 -19.35 -19.58
CA GLU C 88 -25.34 -20.51 -20.28
C GLU C 88 -25.91 -21.79 -19.67
N VAL C 89 -26.10 -22.80 -20.51
CA VAL C 89 -26.58 -24.10 -20.06
C VAL C 89 -25.41 -24.91 -19.54
N PRO C 90 -25.36 -25.23 -18.25
CA PRO C 90 -24.22 -25.98 -17.72
C PRO C 90 -24.31 -27.47 -18.05
N GLU C 91 -23.15 -28.07 -18.23
CA GLU C 91 -23.02 -29.50 -18.50
C GLU C 91 -22.48 -30.19 -17.25
N VAL C 92 -23.15 -31.27 -16.84
CA VAL C 92 -22.87 -31.96 -15.59
C VAL C 92 -22.32 -33.35 -15.89
N THR C 93 -21.29 -33.74 -15.15
CA THR C 93 -20.69 -35.06 -15.27
C THR C 93 -20.36 -35.58 -13.87
N VAL C 94 -20.70 -36.84 -13.61
CA VAL C 94 -20.49 -37.46 -12.31
C VAL C 94 -19.60 -38.68 -12.49
N PHE C 95 -18.57 -38.78 -11.64
CA PHE C 95 -17.64 -39.90 -11.68
C PHE C 95 -17.01 -40.05 -10.30
N SER C 96 -16.25 -41.13 -10.14
CA SER C 96 -15.61 -41.42 -8.87
C SER C 96 -14.13 -41.06 -8.91
N LYS C 97 -13.57 -40.77 -7.74
CA LYS C 97 -12.15 -40.45 -7.66
C LYS C 97 -11.29 -41.69 -7.86
N SER C 98 -11.74 -42.84 -7.39
CA SER C 98 -11.05 -44.10 -7.48
C SER C 98 -12.01 -45.18 -7.97
N PRO C 99 -11.49 -46.28 -8.51
CA PRO C 99 -12.38 -47.37 -8.93
C PRO C 99 -13.20 -47.89 -7.76
N VAL C 100 -14.52 -47.88 -7.94
CA VAL C 100 -15.45 -48.18 -6.86
C VAL C 100 -15.47 -49.68 -6.60
N THR C 101 -15.11 -50.07 -5.38
CA THR C 101 -15.23 -51.44 -4.91
C THR C 101 -16.12 -51.45 -3.68
N LEU C 102 -17.11 -52.35 -3.66
CA LEU C 102 -18.08 -52.40 -2.58
C LEU C 102 -17.39 -52.69 -1.26
N GLY C 103 -17.47 -51.72 -0.33
CA GLY C 103 -16.87 -51.83 0.98
C GLY C 103 -15.76 -50.83 1.23
N GLN C 104 -15.01 -50.46 0.19
CA GLN C 104 -13.91 -49.52 0.34
C GLN C 104 -14.40 -48.09 0.17
N PRO C 105 -14.09 -47.19 1.11
CA PRO C 105 -14.61 -45.81 1.00
C PRO C 105 -14.05 -45.09 -0.22
N ASN C 106 -14.95 -44.43 -0.94
CA ASN C 106 -14.62 -43.73 -2.16
C ASN C 106 -15.24 -42.34 -2.13
N THR C 107 -14.90 -41.52 -3.13
CA THR C 107 -15.40 -40.16 -3.24
C THR C 107 -16.07 -39.97 -4.59
N LEU C 108 -17.27 -39.39 -4.57
CA LEU C 108 -18.02 -39.10 -5.79
C LEU C 108 -17.78 -37.66 -6.19
N ILE C 109 -17.48 -37.45 -7.47
CA ILE C 109 -17.10 -36.15 -8.01
C ILE C 109 -18.15 -35.71 -9.03
N CYS C 110 -18.62 -34.47 -8.89
CA CYS C 110 -19.62 -33.90 -9.79
C CYS C 110 -19.04 -32.64 -10.43
N LEU C 111 -18.79 -32.71 -11.74
CA LEU C 111 -18.19 -31.60 -12.48
C LEU C 111 -19.30 -30.85 -13.22
N VAL C 112 -19.57 -29.62 -12.79
CA VAL C 112 -20.52 -28.74 -13.45
C VAL C 112 -19.73 -27.74 -14.27
N ASP C 113 -19.78 -27.89 -15.59
CA ASP C 113 -18.97 -27.09 -16.50
C ASP C 113 -19.85 -26.09 -17.24
N ASN C 114 -19.18 -25.11 -17.87
CA ASN C 114 -19.85 -24.06 -18.66
C ASN C 114 -20.85 -23.29 -17.81
N ILE C 115 -20.41 -22.86 -16.63
CA ILE C 115 -21.25 -22.10 -15.71
C ILE C 115 -21.13 -20.62 -16.04
N PHE C 116 -22.26 -20.00 -16.41
CA PHE C 116 -22.34 -18.56 -16.51
C PHE C 116 -23.80 -18.10 -16.53
N PRO C 117 -24.19 -17.13 -15.69
CA PRO C 117 -23.36 -16.44 -14.70
C PRO C 117 -22.92 -17.34 -13.54
N PRO C 118 -21.86 -16.97 -12.84
CA PRO C 118 -21.35 -17.81 -11.74
C PRO C 118 -22.30 -17.88 -10.54
N VAL C 119 -23.50 -18.40 -10.76
CA VAL C 119 -24.47 -18.65 -9.70
C VAL C 119 -25.08 -20.02 -9.97
N VAL C 120 -24.90 -20.95 -9.03
CA VAL C 120 -25.34 -22.33 -9.24
C VAL C 120 -25.55 -22.99 -7.88
N ASN C 121 -26.42 -23.99 -7.86
CA ASN C 121 -26.63 -24.84 -6.69
C ASN C 121 -26.22 -26.26 -7.04
N ILE C 122 -25.36 -26.85 -6.22
CA ILE C 122 -24.90 -28.22 -6.42
C ILE C 122 -25.14 -28.98 -5.11
N THR C 123 -26.07 -29.92 -5.14
CA THR C 123 -26.39 -30.75 -3.99
C THR C 123 -26.33 -32.22 -4.39
N TRP C 124 -26.45 -33.10 -3.40
CA TRP C 124 -26.40 -34.53 -3.61
C TRP C 124 -27.66 -35.18 -3.05
N LEU C 125 -28.16 -36.19 -3.75
CA LEU C 125 -29.34 -36.95 -3.35
C LEU C 125 -28.98 -38.42 -3.29
N SER C 126 -29.07 -39.01 -2.10
CA SER C 126 -28.82 -40.43 -1.90
C SER C 126 -30.17 -41.10 -1.65
N ASN C 127 -30.59 -41.95 -2.59
CA ASN C 127 -31.89 -42.62 -2.52
C ASN C 127 -33.02 -41.60 -2.38
N GLY C 128 -32.91 -40.50 -3.12
CA GLY C 128 -33.93 -39.46 -3.09
C GLY C 128 -33.69 -38.43 -2.01
N HIS C 129 -33.23 -38.88 -0.85
CA HIS C 129 -33.02 -37.97 0.28
C HIS C 129 -31.77 -37.13 0.06
N SER C 130 -31.86 -35.85 0.41
CA SER C 130 -30.76 -34.92 0.22
C SER C 130 -29.68 -35.20 1.26
N VAL C 131 -28.57 -35.78 0.82
CA VAL C 131 -27.44 -36.04 1.72
C VAL C 131 -26.69 -34.74 1.97
N THR C 132 -26.48 -34.41 3.25
CA THR C 132 -25.82 -33.17 3.63
C THR C 132 -24.44 -33.39 4.23
N GLU C 133 -24.25 -34.43 5.03
CA GLU C 133 -22.96 -34.67 5.65
C GLU C 133 -21.95 -35.20 4.64
N GLY C 134 -20.69 -34.83 4.83
CA GLY C 134 -19.62 -35.29 3.95
C GLY C 134 -19.67 -34.71 2.56
N VAL C 135 -20.10 -33.47 2.41
CA VAL C 135 -20.23 -32.81 1.11
C VAL C 135 -19.34 -31.57 1.11
N SER C 136 -18.53 -31.43 0.06
CA SER C 136 -17.70 -30.25 -0.11
C SER C 136 -17.60 -29.93 -1.60
N GLU C 137 -17.30 -28.68 -1.90
CA GLU C 137 -17.16 -28.23 -3.27
C GLU C 137 -16.02 -27.23 -3.36
N THR C 138 -15.56 -27.00 -4.60
CA THR C 138 -14.52 -26.01 -4.86
C THR C 138 -15.16 -24.67 -5.15
N SER C 139 -14.33 -23.65 -5.33
CA SER C 139 -14.81 -22.35 -5.77
C SER C 139 -15.03 -22.38 -7.28
N PHE C 140 -15.49 -21.27 -7.83
CA PHE C 140 -15.60 -21.15 -9.28
C PHE C 140 -14.22 -21.09 -9.90
N LEU C 141 -13.90 -22.05 -10.75
CA LEU C 141 -12.62 -22.11 -11.44
C LEU C 141 -12.75 -21.50 -12.82
N SER C 142 -11.74 -20.72 -13.21
CA SER C 142 -11.82 -19.93 -14.43
C SER C 142 -11.55 -20.76 -15.66
N LYS C 143 -12.09 -20.30 -16.79
CA LYS C 143 -11.86 -20.89 -18.10
C LYS C 143 -11.44 -19.80 -19.07
N SER C 144 -10.86 -20.22 -20.20
CA SER C 144 -10.33 -19.26 -21.16
C SER C 144 -11.44 -18.46 -21.83
N ASP C 145 -12.63 -19.06 -22.01
CA ASP C 145 -13.76 -18.35 -22.58
C ASP C 145 -14.52 -17.53 -21.54
N HIS C 146 -13.94 -17.35 -20.35
CA HIS C 146 -14.45 -16.51 -19.27
C HIS C 146 -15.74 -17.05 -18.66
N SER C 147 -16.10 -18.30 -18.94
CA SER C 147 -17.09 -18.99 -18.14
C SER C 147 -16.40 -19.68 -16.97
N PHE C 148 -17.17 -20.39 -16.15
CA PHE C 148 -16.63 -21.03 -14.96
C PHE C 148 -17.07 -22.49 -14.92
N PHE C 149 -16.41 -23.25 -14.06
CA PHE C 149 -16.84 -24.59 -13.72
C PHE C 149 -16.57 -24.82 -12.24
N LYS C 150 -17.37 -25.68 -11.63
CA LYS C 150 -17.28 -25.96 -10.20
C LYS C 150 -17.40 -27.45 -9.96
N ILE C 151 -16.58 -27.96 -9.05
CA ILE C 151 -16.52 -29.38 -8.73
C ILE C 151 -17.01 -29.58 -7.30
N SER C 152 -17.98 -30.47 -7.13
CA SER C 152 -18.50 -30.84 -5.82
C SER C 152 -18.10 -32.28 -5.51
N TYR C 153 -17.91 -32.56 -4.22
CA TYR C 153 -17.44 -33.87 -3.77
C TYR C 153 -18.45 -34.48 -2.81
N LEU C 154 -18.45 -35.82 -2.76
CA LEU C 154 -19.29 -36.56 -1.84
C LEU C 154 -18.53 -37.81 -1.41
N THR C 155 -18.05 -37.83 -0.18
CA THR C 155 -17.39 -39.00 0.39
C THR C 155 -18.45 -40.00 0.82
N PHE C 156 -18.56 -41.11 0.10
CA PHE C 156 -19.61 -42.09 0.32
C PHE C 156 -19.00 -43.47 0.53
N LEU C 157 -19.86 -44.44 0.78
CA LEU C 157 -19.45 -45.84 0.94
C LEU C 157 -20.20 -46.68 -0.09
N PRO C 158 -19.51 -47.24 -1.09
CA PRO C 158 -20.21 -47.99 -2.14
C PRO C 158 -20.92 -49.22 -1.58
N SER C 159 -22.17 -49.39 -2.02
CA SER C 159 -22.99 -50.53 -1.65
C SER C 159 -24.18 -50.58 -2.60
N ALA C 160 -24.60 -51.79 -2.98
CA ALA C 160 -25.75 -51.94 -3.86
C ALA C 160 -27.05 -51.44 -3.22
N ASP C 161 -27.01 -51.01 -1.96
CA ASP C 161 -28.18 -50.44 -1.30
C ASP C 161 -28.44 -49.00 -1.73
N GLU C 162 -27.42 -48.29 -2.22
CA GLU C 162 -27.48 -46.85 -2.38
C GLU C 162 -27.28 -46.45 -3.85
N ILE C 163 -28.12 -45.54 -4.32
CA ILE C 163 -27.93 -44.84 -5.59
C ILE C 163 -27.82 -43.35 -5.31
N TYR C 164 -27.05 -42.64 -6.13
CA TYR C 164 -26.73 -41.25 -5.90
C TYR C 164 -27.01 -40.41 -7.14
N ASP C 165 -27.33 -39.13 -6.90
CA ASP C 165 -27.60 -38.17 -7.97
C ASP C 165 -27.00 -36.82 -7.59
N CYS C 166 -26.49 -36.12 -8.59
CA CYS C 166 -25.99 -34.76 -8.42
C CYS C 166 -27.03 -33.79 -8.96
N LYS C 167 -27.57 -32.96 -8.08
CA LYS C 167 -28.63 -32.01 -8.43
C LYS C 167 -28.02 -30.64 -8.68
N VAL C 168 -28.31 -30.08 -9.87
CA VAL C 168 -27.72 -28.81 -10.29
C VAL C 168 -28.86 -27.87 -10.67
N GLU C 169 -28.90 -26.70 -10.05
CA GLU C 169 -29.88 -25.66 -10.34
C GLU C 169 -29.18 -24.47 -10.97
N HIS C 170 -29.67 -24.02 -12.12
CA HIS C 170 -29.06 -22.89 -12.82
C HIS C 170 -30.13 -22.15 -13.60
N TRP C 171 -29.87 -20.86 -13.84
CA TRP C 171 -30.81 -20.04 -14.60
C TRP C 171 -30.96 -20.53 -16.03
N GLY C 172 -29.87 -21.06 -16.61
CA GLY C 172 -29.94 -21.62 -17.94
C GLY C 172 -30.70 -22.92 -18.03
N LEU C 173 -30.97 -23.57 -16.90
CA LEU C 173 -31.71 -24.82 -16.85
C LEU C 173 -33.16 -24.53 -16.49
N ASP C 174 -34.09 -25.03 -17.32
CA ASP C 174 -35.51 -24.87 -17.01
C ASP C 174 -35.88 -25.62 -15.73
N GLU C 175 -35.50 -26.88 -15.64
CA GLU C 175 -35.68 -27.71 -14.47
C GLU C 175 -34.33 -28.10 -13.87
N PRO C 176 -34.27 -28.37 -12.57
CA PRO C 176 -32.99 -28.81 -11.97
C PRO C 176 -32.48 -30.08 -12.64
N LEU C 177 -31.21 -30.04 -13.05
CA LEU C 177 -30.61 -31.16 -13.77
C LEU C 177 -30.12 -32.21 -12.79
N LEU C 178 -30.46 -33.48 -13.05
CA LEU C 178 -30.05 -34.60 -12.24
C LEU C 178 -29.15 -35.52 -13.05
N LYS C 179 -27.96 -35.79 -12.52
CA LYS C 179 -27.01 -36.71 -13.13
C LYS C 179 -26.81 -37.88 -12.19
N HIS C 180 -27.14 -39.08 -12.65
CA HIS C 180 -27.13 -40.28 -11.82
C HIS C 180 -25.75 -40.94 -11.86
N TRP C 181 -25.44 -41.64 -10.77
CA TRP C 181 -24.25 -42.49 -10.71
C TRP C 181 -24.59 -43.73 -9.90
N GLU C 182 -24.29 -44.90 -10.46
CA GLU C 182 -24.54 -46.18 -9.81
C GLU C 182 -23.35 -47.09 -10.03
N PRO C 183 -23.04 -47.96 -9.06
CA PRO C 183 -21.95 -48.95 -9.19
C PRO C 183 -22.13 -49.88 -10.39
N ASP D 2 -39.30 -15.33 -13.94
CA ASP D 2 -38.28 -14.97 -14.93
C ASP D 2 -36.88 -15.18 -14.37
N SER D 3 -35.90 -15.24 -15.27
CA SER D 3 -34.52 -15.40 -14.85
C SER D 3 -33.98 -14.07 -14.32
N PRO D 4 -33.36 -14.06 -13.15
CA PRO D 4 -32.87 -12.80 -12.59
C PRO D 4 -31.75 -12.20 -13.44
N GLU D 5 -31.77 -10.88 -13.58
CA GLU D 5 -30.75 -10.17 -14.33
C GLU D 5 -29.46 -10.09 -13.53
N ASP D 6 -28.34 -10.14 -14.24
CA ASP D 6 -27.04 -10.16 -13.59
C ASP D 6 -26.01 -9.46 -14.46
N PHE D 7 -25.10 -8.73 -13.82
CA PHE D 7 -23.98 -8.07 -14.49
C PHE D 7 -22.69 -8.57 -13.85
N VAL D 8 -21.84 -9.20 -14.66
CA VAL D 8 -20.63 -9.86 -14.17
C VAL D 8 -19.42 -9.07 -14.63
N TYR D 9 -18.45 -8.91 -13.74
CA TYR D 9 -17.16 -8.29 -14.05
C TYR D 9 -16.04 -9.20 -13.59
N GLN D 10 -15.03 -9.35 -14.43
CA GLN D 10 -13.89 -10.21 -14.12
C GLN D 10 -12.59 -9.49 -14.43
N PHE D 11 -11.59 -9.70 -13.57
CA PHE D 11 -10.23 -9.24 -13.81
C PHE D 11 -9.29 -10.42 -13.59
N LYS D 12 -8.48 -10.75 -14.59
CA LYS D 12 -7.61 -11.91 -14.56
C LYS D 12 -6.18 -11.47 -14.78
N GLY D 13 -5.35 -11.59 -13.73
CA GLY D 13 -3.93 -11.36 -13.86
C GLY D 13 -3.20 -12.65 -14.18
N MET D 14 -2.92 -12.88 -15.47
CA MET D 14 -2.42 -14.16 -15.94
C MET D 14 -0.94 -14.07 -16.29
N CYS D 15 -0.16 -15.00 -15.76
CA CYS D 15 1.26 -15.13 -16.06
C CYS D 15 1.50 -16.39 -16.85
N TYR D 16 2.31 -16.30 -17.89
CA TYR D 16 2.64 -17.43 -18.76
C TYR D 16 4.14 -17.69 -18.68
N PHE D 17 4.51 -18.83 -18.10
CA PHE D 17 5.91 -19.19 -17.93
C PHE D 17 6.30 -20.25 -18.95
N THR D 18 7.46 -20.06 -19.58
CA THR D 18 7.97 -21.01 -20.55
C THR D 18 9.47 -21.16 -20.34
N ASN D 19 9.94 -22.41 -20.35
CA ASN D 19 11.37 -22.72 -20.26
C ASN D 19 11.96 -22.22 -18.94
N GLY D 20 11.33 -22.62 -17.83
CA GLY D 20 11.76 -22.20 -16.52
C GLY D 20 11.50 -20.72 -16.27
N THR D 21 12.57 -19.93 -16.22
CA THR D 21 12.47 -18.49 -16.03
C THR D 21 12.95 -17.69 -17.24
N GLU D 22 13.19 -18.36 -18.37
CA GLU D 22 13.71 -17.68 -19.55
C GLU D 22 12.65 -16.76 -20.16
N ARG D 23 11.45 -17.27 -20.37
CA ARG D 23 10.37 -16.53 -21.00
C ARG D 23 9.21 -16.39 -20.03
N VAL D 24 8.90 -15.15 -19.64
CA VAL D 24 7.77 -14.85 -18.78
C VAL D 24 6.92 -13.79 -19.47
N ARG D 25 5.60 -13.92 -19.35
CA ARG D 25 4.68 -13.01 -20.01
C ARG D 25 3.51 -12.72 -19.09
N LEU D 26 3.14 -11.45 -18.97
CA LEU D 26 2.00 -11.02 -18.18
C LEU D 26 0.89 -10.53 -19.10
N VAL D 27 -0.32 -11.03 -18.87
CA VAL D 27 -1.50 -10.57 -19.62
C VAL D 27 -2.64 -10.36 -18.63
N THR D 28 -2.89 -9.11 -18.26
CA THR D 28 -4.03 -8.78 -17.42
C THR D 28 -5.25 -8.54 -18.29
N ARG D 29 -6.39 -9.11 -17.90
CA ARG D 29 -7.60 -9.09 -18.71
C ARG D 29 -8.74 -8.46 -17.93
N TYR D 30 -9.46 -7.54 -18.58
CA TYR D 30 -10.63 -6.89 -18.02
C TYR D 30 -11.85 -7.39 -18.80
N ILE D 31 -12.73 -8.12 -18.13
CA ILE D 31 -13.85 -8.80 -18.77
C ILE D 31 -15.15 -8.26 -18.22
N TYR D 32 -16.04 -7.83 -19.11
CA TYR D 32 -17.41 -7.46 -18.76
C TYR D 32 -18.33 -8.57 -19.24
N ASN D 33 -19.05 -9.20 -18.30
CA ASN D 33 -19.78 -10.43 -18.57
C ASN D 33 -18.84 -11.50 -19.11
N ARG D 34 -18.92 -11.77 -20.42
CA ARG D 34 -17.99 -12.67 -21.08
C ARG D 34 -17.26 -11.99 -22.22
N GLU D 35 -17.14 -10.65 -22.16
CA GLU D 35 -16.50 -9.85 -23.19
C GLU D 35 -15.25 -9.20 -22.61
N GLU D 36 -14.08 -9.68 -23.03
CA GLU D 36 -12.82 -9.08 -22.64
C GLU D 36 -12.62 -7.79 -23.43
N TYR D 37 -12.77 -6.64 -22.77
CA TYR D 37 -12.77 -5.36 -23.46
C TYR D 37 -11.45 -4.59 -23.34
N ALA D 38 -10.56 -4.98 -22.44
CA ALA D 38 -9.27 -4.31 -22.31
C ALA D 38 -8.26 -5.28 -21.73
N ARG D 39 -7.01 -5.12 -22.12
CA ARG D 39 -5.95 -5.98 -21.63
C ARG D 39 -4.61 -5.24 -21.64
N PHE D 40 -3.72 -5.67 -20.77
CA PHE D 40 -2.32 -5.25 -20.78
C PHE D 40 -1.46 -6.47 -21.09
N ASP D 41 -0.76 -6.42 -22.22
CA ASP D 41 0.17 -7.48 -22.59
C ASP D 41 1.59 -6.98 -22.35
N SER D 42 2.33 -7.67 -21.49
CA SER D 42 3.69 -7.25 -21.18
C SER D 42 4.58 -7.26 -22.41
N ASP D 43 4.25 -8.08 -23.41
CA ASP D 43 5.00 -8.05 -24.66
C ASP D 43 4.66 -6.82 -25.50
N VAL D 44 3.51 -6.20 -25.27
CA VAL D 44 3.16 -4.96 -25.95
C VAL D 44 3.64 -3.74 -25.16
N GLY D 45 3.45 -3.76 -23.84
CA GLY D 45 3.94 -2.70 -22.98
C GLY D 45 2.94 -1.63 -22.62
N VAL D 46 1.78 -1.61 -23.27
CA VAL D 46 0.75 -0.61 -23.01
C VAL D 46 -0.61 -1.29 -22.98
N TYR D 47 -1.56 -0.65 -22.30
CA TYR D 47 -2.93 -1.14 -22.31
C TYR D 47 -3.52 -1.01 -23.71
N ARG D 48 -4.35 -1.98 -24.08
CA ARG D 48 -4.97 -2.01 -25.39
C ARG D 48 -6.45 -2.33 -25.25
N ALA D 49 -7.27 -1.69 -26.10
CA ALA D 49 -8.69 -1.99 -26.15
C ALA D 49 -8.93 -3.17 -27.08
N VAL D 50 -9.75 -4.11 -26.63
CA VAL D 50 -10.07 -5.30 -27.43
C VAL D 50 -11.39 -5.14 -28.16
N THR D 51 -12.37 -4.50 -27.54
CA THR D 51 -13.68 -4.25 -28.11
C THR D 51 -13.97 -2.75 -28.03
N PRO D 52 -14.96 -2.26 -28.81
CA PRO D 52 -15.31 -0.83 -28.73
C PRO D 52 -15.74 -0.37 -27.34
N LEU D 53 -15.93 -1.29 -26.38
CA LEU D 53 -16.21 -0.94 -25.00
C LEU D 53 -14.96 -0.54 -24.23
N GLY D 54 -13.77 -0.78 -24.79
CA GLY D 54 -12.52 -0.61 -24.09
C GLY D 54 -11.74 0.69 -24.25
N PRO D 55 -11.81 1.36 -25.42
CA PRO D 55 -10.91 2.51 -25.68
C PRO D 55 -10.90 3.55 -24.56
N PRO D 56 -12.05 3.91 -23.97
CA PRO D 56 -11.98 4.87 -22.86
C PRO D 56 -11.17 4.37 -21.67
N ALA D 57 -11.12 3.05 -21.44
CA ALA D 57 -10.38 2.52 -20.30
C ALA D 57 -8.88 2.47 -20.59
N ALA D 58 -8.51 1.95 -21.76
CA ALA D 58 -7.10 1.83 -22.09
C ALA D 58 -6.44 3.19 -22.24
N GLU D 59 -7.14 4.16 -22.83
CA GLU D 59 -6.57 5.49 -22.98
C GLU D 59 -6.31 6.16 -21.64
N TYR D 60 -7.15 5.90 -20.64
CA TYR D 60 -6.98 6.51 -19.33
C TYR D 60 -5.85 5.85 -18.56
N TRP D 61 -5.78 4.52 -18.56
CA TRP D 61 -4.73 3.83 -17.82
C TRP D 61 -3.35 4.08 -18.43
N ASN D 62 -3.27 4.26 -19.74
CA ASN D 62 -2.00 4.60 -20.36
C ASN D 62 -1.60 6.04 -20.09
N SER D 63 -2.57 6.92 -19.85
CA SER D 63 -2.29 8.32 -19.57
C SER D 63 -1.88 8.57 -18.12
N GLN D 64 -1.88 7.53 -17.28
CA GLN D 64 -1.47 7.64 -15.88
C GLN D 64 -0.12 6.97 -15.73
N LYS D 65 0.93 7.78 -15.54
CA LYS D 65 2.29 7.28 -15.50
C LYS D 65 2.46 6.24 -14.39
N GLU D 66 1.96 6.54 -13.19
CA GLU D 66 2.14 5.64 -12.07
C GLU D 66 1.41 4.32 -12.29
N VAL D 67 0.26 4.34 -12.96
CA VAL D 67 -0.48 3.11 -13.22
C VAL D 67 0.24 2.27 -14.25
N LEU D 68 0.69 2.91 -15.35
CA LEU D 68 1.36 2.17 -16.41
C LEU D 68 2.69 1.59 -15.93
N GLU D 69 3.43 2.34 -15.12
CA GLU D 69 4.68 1.82 -14.58
C GLU D 69 4.42 0.66 -13.62
N ARG D 70 3.41 0.78 -12.76
CA ARG D 70 3.10 -0.27 -11.80
C ARG D 70 2.69 -1.56 -12.50
N THR D 71 2.01 -1.46 -13.64
CA THR D 71 1.58 -2.65 -14.35
C THR D 71 2.75 -3.32 -15.07
N ARG D 72 3.64 -2.52 -15.66
CA ARG D 72 4.84 -3.08 -16.28
C ARG D 72 5.72 -3.78 -15.27
N ALA D 73 5.77 -3.27 -14.03
CA ALA D 73 6.58 -3.89 -12.99
C ALA D 73 5.94 -5.17 -12.45
N GLU D 74 4.67 -5.43 -12.75
CA GLU D 74 4.01 -6.62 -12.24
C GLU D 74 4.53 -7.89 -12.91
N LEU D 75 5.22 -7.77 -14.04
CA LEU D 75 5.93 -8.92 -14.60
C LEU D 75 6.98 -9.44 -13.64
N ASP D 76 7.61 -8.53 -12.88
CA ASP D 76 8.60 -8.89 -11.88
C ASP D 76 7.98 -9.04 -10.49
N THR D 77 7.01 -8.20 -10.15
CA THR D 77 6.47 -8.18 -8.80
C THR D 77 5.42 -9.25 -8.57
N VAL D 78 4.82 -9.79 -9.64
CA VAL D 78 3.77 -10.80 -9.49
C VAL D 78 4.23 -12.11 -10.13
N CYS D 79 4.58 -12.07 -11.41
CA CYS D 79 4.86 -13.31 -12.14
C CYS D 79 6.15 -13.96 -11.68
N ARG D 80 7.26 -13.24 -11.78
CA ARG D 80 8.56 -13.84 -11.47
C ARG D 80 8.73 -14.09 -9.97
N HIS D 81 8.13 -13.25 -9.12
CA HIS D 81 8.26 -13.47 -7.68
C HIS D 81 7.49 -14.70 -7.24
N ASN D 82 6.25 -14.86 -7.71
CA ASN D 82 5.45 -16.01 -7.32
C ASN D 82 5.99 -17.31 -7.91
N TYR D 83 6.62 -17.24 -9.08
CA TYR D 83 7.14 -18.46 -9.70
C TYR D 83 8.26 -19.06 -8.87
N GLN D 84 9.02 -18.23 -8.15
CA GLN D 84 10.05 -18.76 -7.26
C GLN D 84 9.43 -19.59 -6.13
N LEU D 85 8.23 -19.22 -5.69
CA LEU D 85 7.53 -19.99 -4.68
C LEU D 85 6.84 -21.23 -5.27
N GLU D 86 6.56 -21.23 -6.57
CA GLU D 86 6.05 -22.44 -7.21
C GLU D 86 7.14 -23.50 -7.31
N LEU D 87 8.39 -23.07 -7.55
CA LEU D 87 9.50 -24.01 -7.57
C LEU D 87 9.67 -24.72 -6.23
N ARG D 88 9.40 -24.02 -5.13
CA ARG D 88 9.57 -24.60 -3.80
C ARG D 88 8.38 -25.42 -3.36
N THR D 89 7.23 -25.29 -4.03
CA THR D 89 6.02 -25.97 -3.58
C THR D 89 5.35 -26.75 -4.71
N THR D 90 4.66 -26.02 -5.60
CA THR D 90 3.82 -26.68 -6.60
C THR D 90 4.65 -27.50 -7.59
N LEU D 91 5.71 -26.90 -8.12
CA LEU D 91 6.47 -27.55 -9.20
C LEU D 91 7.29 -28.74 -8.71
N GLN D 92 7.43 -28.94 -7.40
CA GLN D 92 8.10 -30.11 -6.87
C GLN D 92 7.12 -31.13 -6.30
N ARG D 93 5.82 -30.88 -6.41
CA ARG D 93 4.82 -31.81 -5.90
C ARG D 93 4.74 -33.04 -6.81
N ARG D 94 4.93 -34.22 -6.21
CA ARG D 94 4.91 -35.49 -6.95
C ARG D 94 3.98 -36.45 -6.22
N VAL D 95 2.93 -36.89 -6.91
CA VAL D 95 1.99 -37.88 -6.38
C VAL D 95 1.98 -39.06 -7.33
N GLU D 96 2.39 -40.22 -6.83
CA GLU D 96 2.50 -41.40 -7.67
C GLU D 96 1.10 -41.90 -8.05
N PRO D 97 0.91 -42.37 -9.28
CA PRO D 97 -0.40 -42.87 -9.69
C PRO D 97 -0.68 -44.27 -9.14
N THR D 98 -1.96 -44.51 -8.87
CA THR D 98 -2.44 -45.84 -8.52
C THR D 98 -3.03 -46.49 -9.76
N VAL D 99 -2.49 -47.64 -10.15
CA VAL D 99 -2.84 -48.29 -11.41
C VAL D 99 -3.53 -49.61 -11.08
N THR D 100 -4.77 -49.75 -11.55
CA THR D 100 -5.56 -50.96 -11.34
C THR D 100 -6.29 -51.34 -12.62
N ILE D 101 -6.39 -52.63 -12.88
CA ILE D 101 -7.10 -53.17 -14.04
C ILE D 101 -8.37 -53.85 -13.54
N SER D 102 -9.48 -53.61 -14.24
CA SER D 102 -10.76 -54.20 -13.86
C SER D 102 -11.59 -54.43 -15.12
N PRO D 103 -12.11 -55.64 -15.33
CA PRO D 103 -12.95 -55.88 -16.51
C PRO D 103 -14.33 -55.27 -16.34
N SER D 104 -14.93 -54.88 -17.47
CA SER D 104 -16.22 -54.23 -17.44
C SER D 104 -17.36 -55.21 -17.19
N ARG D 105 -17.17 -56.48 -17.53
CA ARG D 105 -18.19 -57.51 -17.34
C ARG D 105 -17.52 -58.75 -16.78
N THR D 106 -18.32 -59.75 -16.46
CA THR D 106 -17.80 -61.01 -15.96
C THR D 106 -16.96 -61.69 -17.03
N GLU D 107 -15.71 -62.01 -16.68
CA GLU D 107 -14.78 -62.58 -17.63
C GLU D 107 -15.25 -63.96 -18.09
N ALA D 108 -15.20 -64.20 -19.40
CA ALA D 108 -15.53 -65.49 -19.97
C ALA D 108 -14.63 -65.72 -21.19
N LEU D 109 -14.11 -66.94 -21.30
CA LEU D 109 -13.21 -67.27 -22.40
C LEU D 109 -13.94 -67.19 -23.74
N ASN D 110 -13.28 -66.56 -24.71
CA ASN D 110 -13.82 -66.40 -26.07
C ASN D 110 -15.13 -65.62 -26.05
N HIS D 111 -15.20 -64.59 -25.21
CA HIS D 111 -16.35 -63.71 -25.11
C HIS D 111 -15.88 -62.26 -25.09
N HIS D 112 -16.70 -61.38 -25.66
CA HIS D 112 -16.34 -59.98 -25.74
C HIS D 112 -16.28 -59.35 -24.36
N ASN D 113 -15.21 -58.59 -24.10
CA ASN D 113 -15.02 -57.95 -22.81
C ASN D 113 -14.21 -56.68 -23.02
N LEU D 114 -14.02 -55.92 -21.94
CA LEU D 114 -13.32 -54.63 -22.02
C LEU D 114 -12.58 -54.41 -20.71
N LEU D 115 -11.26 -54.25 -20.80
CA LEU D 115 -10.40 -54.03 -19.64
C LEU D 115 -10.18 -52.53 -19.44
N VAL D 116 -10.36 -52.07 -18.22
CA VAL D 116 -10.18 -50.66 -17.87
C VAL D 116 -8.94 -50.55 -16.99
N CYS D 117 -7.92 -49.87 -17.50
CA CYS D 117 -6.74 -49.54 -16.70
C CYS D 117 -6.98 -48.17 -16.09
N SER D 118 -7.29 -48.15 -14.79
CA SER D 118 -7.59 -46.92 -14.06
C SER D 118 -6.32 -46.38 -13.44
N VAL D 119 -5.89 -45.21 -13.91
CA VAL D 119 -4.72 -44.51 -13.39
C VAL D 119 -5.26 -43.32 -12.61
N THR D 120 -5.29 -43.44 -11.28
CA THR D 120 -5.97 -42.47 -10.44
C THR D 120 -5.01 -41.77 -9.48
N ASP D 121 -5.30 -40.50 -9.21
CA ASP D 121 -4.64 -39.71 -8.18
C ASP D 121 -3.13 -39.60 -8.42
N PHE D 122 -2.79 -38.84 -9.44
CA PHE D 122 -1.39 -38.53 -9.74
C PHE D 122 -1.23 -37.04 -10.03
N TYR D 123 0.01 -36.57 -9.87
CA TYR D 123 0.36 -35.18 -10.12
C TYR D 123 1.87 -35.13 -10.33
N PRO D 124 2.37 -34.39 -11.33
CA PRO D 124 1.66 -33.53 -12.28
C PRO D 124 0.84 -34.26 -13.35
N ALA D 125 0.47 -33.52 -14.39
CA ALA D 125 -0.46 -34.03 -15.39
C ALA D 125 0.21 -34.90 -16.46
N GLN D 126 1.52 -34.79 -16.62
CA GLN D 126 2.22 -35.57 -17.64
C GLN D 126 2.08 -37.07 -17.37
N ILE D 127 1.37 -37.78 -18.24
CA ILE D 127 1.13 -39.21 -18.07
C ILE D 127 1.17 -39.88 -19.44
N LYS D 128 1.65 -41.11 -19.47
CA LYS D 128 1.70 -41.90 -20.70
C LYS D 128 1.28 -43.32 -20.36
N VAL D 129 0.21 -43.79 -21.00
CA VAL D 129 -0.36 -45.11 -20.73
C VAL D 129 -0.46 -45.87 -22.05
N ARG D 130 0.00 -47.12 -22.05
CA ARG D 130 -0.06 -47.98 -23.22
C ARG D 130 -0.52 -49.36 -22.81
N TRP D 131 -1.35 -49.97 -23.65
CA TRP D 131 -1.86 -51.33 -23.43
C TRP D 131 -1.02 -52.34 -24.19
N PHE D 132 -0.79 -53.49 -23.56
CA PHE D 132 0.00 -54.57 -24.16
C PHE D 132 -0.71 -55.89 -23.99
N ARG D 133 -0.56 -56.77 -24.99
CA ARG D 133 -1.05 -58.13 -24.93
C ARG D 133 0.06 -59.05 -25.41
N ASN D 134 0.62 -59.85 -24.49
CA ASN D 134 1.71 -60.77 -24.79
C ASN D 134 2.90 -60.04 -25.41
N ASP D 135 3.33 -58.96 -24.74
CA ASP D 135 4.47 -58.16 -25.17
C ASP D 135 4.27 -57.57 -26.56
N GLN D 136 3.04 -57.19 -26.87
CA GLN D 136 2.71 -56.54 -28.13
C GLN D 136 1.76 -55.39 -27.84
N GLU D 137 2.17 -54.17 -28.21
CA GLU D 137 1.39 -52.98 -27.86
C GLU D 137 0.08 -52.95 -28.63
N GLU D 138 -1.03 -52.96 -27.90
CA GLU D 138 -2.34 -52.82 -28.52
C GLU D 138 -2.53 -51.39 -29.00
N THR D 139 -2.95 -51.23 -30.26
CA THR D 139 -3.10 -49.90 -30.85
C THR D 139 -4.41 -49.75 -31.62
N THR D 140 -5.31 -50.72 -31.56
CA THR D 140 -6.55 -50.66 -32.33
C THR D 140 -7.80 -50.61 -31.46
N GLY D 141 -7.85 -51.40 -30.38
CA GLY D 141 -9.00 -51.40 -29.51
C GLY D 141 -8.80 -50.57 -28.26
N VAL D 142 -7.86 -49.64 -28.32
CA VAL D 142 -7.50 -48.79 -27.18
C VAL D 142 -8.31 -47.50 -27.27
N VAL D 143 -9.20 -47.29 -26.31
CA VAL D 143 -10.00 -46.07 -26.21
C VAL D 143 -9.64 -45.41 -24.90
N SER D 144 -8.98 -44.25 -24.97
CA SER D 144 -8.52 -43.53 -23.79
C SER D 144 -9.38 -42.28 -23.58
N THR D 145 -9.76 -42.05 -22.33
CA THR D 145 -10.45 -40.83 -21.96
C THR D 145 -9.45 -39.69 -21.81
N PRO D 146 -9.90 -38.44 -21.97
CA PRO D 146 -9.00 -37.31 -21.72
C PRO D 146 -8.59 -37.23 -20.26
N LEU D 147 -7.63 -36.35 -20.00
CA LEU D 147 -7.16 -36.15 -18.63
C LEU D 147 -8.29 -35.61 -17.76
N ILE D 148 -8.65 -36.38 -16.73
CA ILE D 148 -9.72 -36.00 -15.82
C ILE D 148 -9.11 -35.24 -14.65
N ARG D 149 -9.53 -33.98 -14.48
CA ARG D 149 -9.08 -33.15 -13.38
C ARG D 149 -10.05 -33.31 -12.21
N ASN D 150 -9.54 -33.84 -11.09
CA ASN D 150 -10.37 -34.06 -9.92
C ASN D 150 -10.60 -32.79 -9.10
N GLY D 151 -9.84 -31.73 -9.36
CA GLY D 151 -10.01 -30.47 -8.66
C GLY D 151 -9.32 -30.39 -7.31
N ASP D 152 -8.76 -31.49 -6.81
CA ASP D 152 -8.04 -31.50 -5.53
C ASP D 152 -6.54 -31.67 -5.73
N TRP D 153 -6.00 -31.09 -6.81
CA TRP D 153 -4.58 -31.18 -7.16
C TRP D 153 -4.15 -32.62 -7.45
N THR D 154 -5.08 -33.44 -7.95
CA THR D 154 -4.76 -34.76 -8.45
C THR D 154 -5.47 -34.97 -9.78
N PHE D 155 -4.85 -35.78 -10.64
CA PHE D 155 -5.41 -36.11 -11.94
C PHE D 155 -5.78 -37.59 -12.00
N GLN D 156 -6.48 -37.94 -13.08
CA GLN D 156 -7.02 -39.29 -13.25
C GLN D 156 -7.22 -39.51 -14.75
N ILE D 157 -6.95 -40.75 -15.20
CA ILE D 157 -7.18 -41.10 -16.58
C ILE D 157 -7.53 -42.59 -16.64
N LEU D 158 -8.45 -42.94 -17.54
CA LEU D 158 -8.91 -44.31 -17.70
C LEU D 158 -8.70 -44.72 -19.15
N VAL D 159 -7.91 -45.78 -19.36
CA VAL D 159 -7.61 -46.29 -20.69
C VAL D 159 -8.25 -47.66 -20.82
N MET D 160 -9.17 -47.78 -21.78
CA MET D 160 -9.98 -48.98 -21.95
C MET D 160 -9.54 -49.74 -23.18
N LEU D 161 -9.44 -51.06 -23.05
CA LEU D 161 -9.02 -51.94 -24.13
C LEU D 161 -10.12 -52.99 -24.35
N GLU D 162 -10.69 -52.99 -25.54
CA GLU D 162 -11.65 -54.02 -25.94
C GLU D 162 -10.88 -55.21 -26.49
N MET D 163 -11.09 -56.39 -25.90
CA MET D 163 -10.33 -57.56 -26.26
C MET D 163 -11.19 -58.81 -26.03
N THR D 164 -10.61 -59.97 -26.38
CA THR D 164 -11.26 -61.26 -26.18
C THR D 164 -10.27 -62.16 -25.46
N PRO D 165 -10.51 -62.50 -24.19
CA PRO D 165 -9.53 -63.29 -23.44
C PRO D 165 -9.39 -64.73 -23.94
N GLN D 166 -8.27 -65.02 -24.60
CA GLN D 166 -7.95 -66.39 -24.97
C GLN D 166 -7.21 -67.06 -23.82
N ARG D 167 -7.10 -68.39 -23.90
CA ARG D 167 -6.43 -69.16 -22.86
C ARG D 167 -4.95 -68.82 -22.83
N GLY D 168 -4.47 -68.31 -21.70
CA GLY D 168 -3.08 -68.01 -21.51
C GLY D 168 -2.67 -66.57 -21.78
N ASP D 169 -3.60 -65.73 -22.24
CA ASP D 169 -3.26 -64.34 -22.56
C ASP D 169 -2.88 -63.57 -21.29
N VAL D 170 -1.93 -62.66 -21.45
CA VAL D 170 -1.49 -61.77 -20.38
C VAL D 170 -1.58 -60.34 -20.90
N TYR D 171 -2.31 -59.50 -20.17
CA TYR D 171 -2.50 -58.10 -20.54
C TYR D 171 -1.82 -57.22 -19.50
N THR D 172 -0.90 -56.37 -19.96
CA THR D 172 -0.15 -55.49 -19.08
C THR D 172 -0.42 -54.03 -19.46
N CYS D 173 -0.64 -53.21 -18.43
CA CYS D 173 -0.86 -51.78 -18.61
C CYS D 173 0.41 -51.04 -18.22
N HIS D 174 1.03 -50.36 -19.17
CA HIS D 174 2.26 -49.61 -18.94
C HIS D 174 1.93 -48.16 -18.60
N VAL D 175 2.55 -47.63 -17.56
CA VAL D 175 2.33 -46.27 -17.10
C VAL D 175 3.68 -45.61 -16.85
N GLU D 176 3.86 -44.41 -17.40
CA GLU D 176 5.03 -43.58 -17.16
C GLU D 176 4.60 -42.26 -16.55
N HIS D 177 5.31 -41.83 -15.50
CA HIS D 177 4.96 -40.62 -14.79
C HIS D 177 6.20 -40.02 -14.16
N PRO D 178 6.31 -38.69 -14.11
CA PRO D 178 7.52 -38.07 -13.53
C PRO D 178 7.74 -38.39 -12.06
N SER D 179 6.72 -38.84 -11.34
CA SER D 179 6.89 -39.24 -9.96
C SER D 179 7.48 -40.63 -9.80
N LEU D 180 7.60 -41.39 -10.90
CA LEU D 180 8.11 -42.74 -10.88
C LEU D 180 9.55 -42.75 -11.39
N GLN D 181 10.40 -43.53 -10.73
CA GLN D 181 11.78 -43.67 -11.19
C GLN D 181 11.86 -44.58 -12.41
N ASN D 182 10.99 -45.56 -12.51
CA ASN D 182 10.89 -46.47 -13.64
C ASN D 182 9.48 -46.45 -14.20
N PRO D 183 9.30 -46.82 -15.46
CA PRO D 183 7.94 -47.15 -15.92
C PRO D 183 7.41 -48.36 -15.17
N ILE D 184 6.13 -48.30 -14.83
CA ILE D 184 5.49 -49.36 -14.06
C ILE D 184 4.49 -50.09 -14.93
N ILE D 185 4.21 -51.34 -14.56
CA ILE D 185 3.24 -52.17 -15.25
C ILE D 185 2.31 -52.82 -14.24
N VAL D 186 1.11 -53.16 -14.70
CA VAL D 186 0.15 -53.96 -13.94
C VAL D 186 -0.37 -55.04 -14.88
N GLU D 187 -0.32 -56.29 -14.41
CA GLU D 187 -0.69 -57.43 -15.23
C GLU D 187 -2.12 -57.87 -14.97
N TRP D 188 -2.74 -58.47 -16.00
CA TRP D 188 -4.06 -59.06 -15.91
C TRP D 188 -4.10 -60.28 -16.80
N ARG D 189 -4.45 -61.43 -16.22
CA ARG D 189 -4.47 -62.70 -16.93
C ARG D 189 -5.89 -63.23 -17.04
N ALA D 190 -6.13 -63.99 -18.11
CA ALA D 190 -7.41 -64.67 -18.27
C ALA D 190 -7.47 -65.86 -17.32
N GLN D 191 -8.53 -65.94 -16.53
CA GLN D 191 -8.66 -67.00 -15.54
C GLN D 191 -8.83 -68.35 -16.22
N SER D 192 -8.23 -69.38 -15.62
CA SER D 192 -8.31 -70.74 -16.16
C SER D 192 -9.49 -71.50 -15.55
N GLY E 1 7.11 -17.28 4.10
CA GLY E 1 7.35 -16.21 5.06
C GLY E 1 6.98 -14.84 4.54
N GLN E 2 7.20 -14.63 3.25
CA GLN E 2 6.88 -13.37 2.60
C GLN E 2 5.52 -13.46 1.92
N VAL E 3 4.72 -12.40 2.07
CA VAL E 3 3.39 -12.37 1.50
C VAL E 3 3.48 -12.23 -0.01
N GLU E 4 2.69 -13.02 -0.74
CA GLU E 4 2.61 -12.92 -2.18
C GLU E 4 1.54 -11.92 -2.58
N LEU E 5 1.61 -11.48 -3.84
CA LEU E 5 0.65 -10.52 -4.38
C LEU E 5 0.08 -11.04 -5.68
N GLY E 6 -1.05 -10.45 -6.07
CA GLY E 6 -1.63 -10.66 -7.37
C GLY E 6 -1.61 -9.39 -8.20
N GLY E 7 -2.21 -9.49 -9.39
CA GLY E 7 -2.32 -8.33 -10.24
C GLY E 7 -3.26 -7.29 -9.65
N GLY E 8 -2.95 -6.03 -9.91
CA GLY E 8 -3.77 -4.93 -9.46
C GLY E 8 -4.58 -4.33 -10.58
N PRO E 9 -5.90 -4.29 -10.43
CA PRO E 9 -6.75 -3.76 -11.50
C PRO E 9 -6.73 -2.25 -11.52
N GLY E 10 -6.62 -1.68 -12.72
CA GLY E 10 -6.83 -0.26 -12.89
C GLY E 10 -8.29 0.11 -12.70
N ALA E 11 -8.51 1.31 -12.19
CA ALA E 11 -9.87 1.79 -11.91
C ALA E 11 -10.39 2.59 -13.09
N GLU E 12 -11.62 2.28 -13.50
CA GLU E 12 -12.27 3.07 -14.53
C GLU E 12 -12.47 4.51 -14.06
N SER E 13 -12.45 5.43 -15.01
CA SER E 13 -12.53 6.85 -14.71
C SER E 13 -13.92 7.38 -15.10
N CYS E 14 -14.92 7.01 -14.31
CA CYS E 14 -16.28 7.48 -14.50
C CYS E 14 -16.75 8.30 -13.30
N GLN E 15 -15.82 8.94 -12.60
CA GLN E 15 -16.11 9.79 -11.45
C GLN E 15 -17.17 10.84 -11.75
#